data_8P7K
#
_entry.id   8P7K
#
_cell.length_a   55.034
_cell.length_b   81.488
_cell.length_c   70.810
_cell.angle_alpha   90.00
_cell.angle_beta   95.00
_cell.angle_gamma   90.00
#
_symmetry.space_group_name_H-M   'P 1 21 1'
#
loop_
_entity.id
_entity.type
_entity.pdbx_description
1 polymer 'Parathion hydrolase'
2 non-polymer 'FORMIC ACID'
3 non-polymer 'ZINC ION'
4 non-polymer '(2~{R})-2-methylpentanedioic acid'
5 water water
#
_entity_poly.entity_id   1
_entity_poly.type   'polypeptide(L)'
_entity_poly.pdbx_seq_one_letter_code
;ISEFITNSGDRINTVRGPITISEAGFTLTHEHICGSSAGFLRAWPEFFGSRAALVEKAVRGLRRARAAGVRTIVDVSTFD
AGRDVSLLAEVSRAADVHIVAATGLWEDPPLSMRLRSVEELTQFFLREIQYGIEDTGIRAGIIKVATQGKATPFQELVLR
AAARASLATGVPVTTHTFASQRDGEQQAAIFESEGLSPSRVCIGHSDDTDDLSYLTALAARGYLIGLDGIPHSAIGLEDN
ASASALLGNRSWQTRALLIKALIDQGYMKQILVSNDWLFGFSSYVTNIMDVMDSVNPDGMAFIPLRVIPFLREKGVPQET
LAGITVTNPARFLSPTLRAS
;
_entity_poly.pdbx_strand_id   A,B
#
loop_
_chem_comp.id
_chem_comp.type
_chem_comp.name
_chem_comp.formula
E5N non-polymer '(2~{R})-2-methylpentanedioic acid' 'C6 H10 O4'
FMT non-polymer 'FORMIC ACID' 'C H2 O2'
ZN non-polymer 'ZINC ION' 'Zn 2'
#
# COMPACT_ATOMS: atom_id res chain seq x y z
N ASP A 10 -28.62 9.84 16.05
CA ASP A 10 -29.56 8.77 16.40
C ASP A 10 -28.97 7.38 16.11
N ARG A 11 -28.27 7.28 14.98
CA ARG A 11 -27.75 6.00 14.53
C ARG A 11 -26.23 6.09 14.32
N ILE A 12 -25.55 4.97 14.54
CA ILE A 12 -24.12 4.83 14.35
C ILE A 12 -23.90 3.80 13.24
N ASN A 13 -23.00 4.11 12.31
CA ASN A 13 -22.71 3.17 11.22
C ASN A 13 -21.73 2.10 11.67
N THR A 14 -22.07 0.83 11.43
CA THR A 14 -21.20 -0.31 11.71
C THR A 14 -20.97 -1.10 10.44
N VAL A 15 -20.09 -2.12 10.52
CA VAL A 15 -19.84 -2.94 9.34
C VAL A 15 -21.00 -3.86 9.01
N ARG A 16 -22.01 -3.93 9.86
CA ARG A 16 -23.25 -4.62 9.52
C ARG A 16 -24.37 -3.66 9.17
N GLY A 17 -24.12 -2.36 9.18
CA GLY A 17 -25.16 -1.40 8.91
C GLY A 17 -25.43 -0.52 10.12
N PRO A 18 -26.49 0.28 10.03
CA PRO A 18 -26.77 1.25 11.10
C PRO A 18 -27.29 0.57 12.36
N ILE A 19 -26.90 1.12 13.51
CA ILE A 19 -27.44 0.69 14.80
C ILE A 19 -27.83 1.92 15.60
N THR A 20 -28.72 1.72 16.57
CA THR A 20 -29.07 2.84 17.44
C THR A 20 -28.06 2.96 18.56
N ILE A 21 -28.07 4.13 19.21
CA ILE A 21 -27.10 4.45 20.24
C ILE A 21 -27.15 3.43 21.37
N SER A 22 -28.36 3.01 21.76
CA SER A 22 -28.50 2.09 22.88
C SER A 22 -27.96 0.71 22.56
N GLU A 23 -27.83 0.36 21.27
CA GLU A 23 -27.33 -0.96 20.91
C GLU A 23 -25.83 -1.09 21.06
N ALA A 24 -25.10 0.03 21.11
CA ALA A 24 -23.63 -0.04 21.16
C ALA A 24 -23.15 -0.68 22.46
N GLY A 25 -23.76 -0.33 23.60
CA GLY A 25 -23.37 -0.88 24.91
C GLY A 25 -21.90 -0.65 25.22
N PHE A 26 -21.34 -1.57 26.03
CA PHE A 26 -19.91 -1.58 26.32
C PHE A 26 -19.09 -1.53 25.02
N THR A 27 -18.32 -0.45 24.86
CA THR A 27 -17.62 -0.20 23.60
C THR A 27 -16.13 0.02 23.86
N LEU A 28 -15.29 -0.68 23.11
CA LEU A 28 -13.86 -0.42 23.08
C LEU A 28 -13.57 0.53 21.92
N THR A 29 -13.04 1.71 22.22
CA THR A 29 -12.97 2.79 21.25
C THR A 29 -11.73 2.79 20.37
N HIS A 30 -10.74 1.94 20.61
CA HIS A 30 -9.53 1.95 19.78
C HIS A 30 -8.99 0.52 19.74
N GLU A 31 -9.29 -0.18 18.64
CA GLU A 31 -8.93 -1.58 18.46
C GLU A 31 -8.61 -1.81 17.00
N HIS A 32 -8.06 -2.99 16.71
CA HIS A 32 -7.72 -3.43 15.35
C HIS A 32 -8.06 -4.91 15.21
N ILE A 33 -8.79 -5.29 14.16
CA ILE A 33 -8.84 -6.71 13.84
C ILE A 33 -7.47 -7.15 13.34
N CYS A 34 -6.86 -6.36 12.45
CA CYS A 34 -5.59 -6.77 11.87
C CYS A 34 -4.80 -5.52 11.48
N GLY A 35 -3.61 -5.39 12.04
CA GLY A 35 -2.76 -4.25 11.72
C GLY A 35 -1.88 -4.60 10.55
N SER A 36 -2.18 -4.06 9.37
CA SER A 36 -1.43 -4.50 8.19
C SER A 36 -1.11 -3.29 7.31
N SER A 37 -1.15 -3.53 5.99
CA SER A 37 -0.90 -2.51 4.99
C SER A 37 -1.90 -2.70 3.87
N ALA A 38 -2.22 -1.60 3.17
CA ALA A 38 -3.20 -1.66 2.09
C ALA A 38 -2.85 -2.79 1.12
N GLY A 39 -3.86 -3.62 0.80
CA GLY A 39 -3.70 -4.73 -0.13
C GLY A 39 -2.93 -5.93 0.39
N PHE A 40 -2.30 -5.86 1.57
CA PHE A 40 -1.35 -6.88 1.97
C PHE A 40 -2.04 -8.19 2.36
N LEU A 41 -3.16 -8.09 3.07
CA LEU A 41 -3.88 -9.31 3.46
C LEU A 41 -4.36 -10.08 2.24
N ARG A 42 -4.77 -9.38 1.18
CA ARG A 42 -5.26 -10.07 -0.01
C ARG A 42 -4.11 -10.69 -0.82
N ALA A 43 -2.95 -10.05 -0.83
CA ALA A 43 -1.82 -10.49 -1.65
C ALA A 43 -0.97 -11.57 -0.98
N TRP A 44 -0.93 -11.61 0.35
CA TRP A 44 -0.01 -12.52 1.05
C TRP A 44 -0.67 -13.00 2.34
N PRO A 45 -1.84 -13.63 2.24
CA PRO A 45 -2.54 -14.09 3.46
C PRO A 45 -1.78 -15.15 4.22
N GLU A 46 -0.84 -15.86 3.57
CA GLU A 46 -0.03 -16.87 4.24
C GLU A 46 0.87 -16.26 5.30
N PHE A 47 1.11 -14.94 5.24
CA PHE A 47 1.84 -14.29 6.32
C PHE A 47 1.15 -14.51 7.66
N PHE A 48 -0.18 -14.55 7.66
CA PHE A 48 -0.98 -14.79 8.86
C PHE A 48 -1.39 -16.26 9.00
N GLY A 49 -0.58 -17.17 8.47
CA GLY A 49 -1.02 -18.56 8.31
C GLY A 49 -1.95 -18.69 7.12
N SER A 50 -3.11 -18.07 7.21
CA SER A 50 -4.11 -18.12 6.15
C SER A 50 -5.18 -17.11 6.51
N ARG A 51 -5.95 -16.69 5.49
CA ARG A 51 -7.08 -15.81 5.77
C ARG A 51 -8.07 -16.48 6.71
N ALA A 52 -8.34 -17.77 6.49
CA ALA A 52 -9.28 -18.47 7.36
C ALA A 52 -8.76 -18.58 8.78
N ALA A 53 -7.45 -18.74 8.96
CA ALA A 53 -6.89 -18.82 10.31
C ALA A 53 -7.04 -17.48 11.04
N LEU A 54 -6.81 -16.37 10.33
CA LEU A 54 -6.95 -15.05 10.94
C LEU A 54 -8.39 -14.78 11.33
N VAL A 55 -9.33 -15.08 10.43
CA VAL A 55 -10.75 -15.02 10.75
C VAL A 55 -11.04 -15.82 12.01
N GLU A 56 -10.60 -17.08 12.03
CA GLU A 56 -10.88 -17.95 13.18
C GLU A 56 -10.30 -17.38 14.46
N LYS A 57 -9.07 -16.87 14.40
CA LYS A 57 -8.45 -16.26 15.57
C LYS A 57 -9.20 -15.01 16.02
N ALA A 58 -9.60 -14.17 15.07
CA ALA A 58 -10.33 -12.96 15.44
C ALA A 58 -11.71 -13.28 16.02
N VAL A 59 -12.39 -14.29 15.48
CA VAL A 59 -13.71 -14.64 16.01
C VAL A 59 -13.59 -15.18 17.44
N ARG A 60 -12.60 -16.05 17.69
CA ARG A 60 -12.40 -16.56 19.04
C ARG A 60 -12.11 -15.43 20.01
N GLY A 61 -11.25 -14.49 19.60
CA GLY A 61 -10.92 -13.36 20.47
C GLY A 61 -12.10 -12.44 20.69
N LEU A 62 -12.86 -12.14 19.63
CA LEU A 62 -14.02 -11.28 19.83
C LEU A 62 -15.10 -11.99 20.64
N ARG A 63 -15.23 -13.31 20.51
CA ARG A 63 -16.20 -14.03 21.33
C ARG A 63 -15.84 -13.98 22.81
N ARG A 64 -14.55 -14.08 23.13
CA ARG A 64 -14.14 -13.95 24.53
C ARG A 64 -14.40 -12.54 25.05
N ALA A 65 -14.12 -11.52 24.24
CA ALA A 65 -14.41 -10.17 24.69
C ALA A 65 -15.90 -9.98 24.92
N ARG A 66 -16.72 -10.57 24.04
CA ARG A 66 -18.18 -10.47 24.21
C ARG A 66 -18.64 -11.15 25.50
N ALA A 67 -18.07 -12.33 25.80
CA ALA A 67 -18.41 -13.02 27.03
C ALA A 67 -18.02 -12.19 28.25
N ALA A 68 -16.99 -11.34 28.10
CA ALA A 68 -16.60 -10.44 29.18
C ALA A 68 -17.41 -9.15 29.20
N GLY A 69 -18.35 -8.98 28.28
CA GLY A 69 -19.28 -7.86 28.32
C GLY A 69 -19.13 -6.86 27.17
N VAL A 70 -18.10 -6.95 26.35
CA VAL A 70 -17.95 -6.02 25.23
C VAL A 70 -19.05 -6.28 24.20
N ARG A 71 -19.68 -5.21 23.73
CA ARG A 71 -20.71 -5.32 22.70
C ARG A 71 -20.32 -4.64 21.40
N THR A 72 -19.41 -3.67 21.42
CA THR A 72 -18.96 -2.95 20.23
C THR A 72 -17.46 -2.69 20.35
N ILE A 73 -16.73 -2.78 19.22
CA ILE A 73 -15.39 -2.24 19.16
C ILE A 73 -15.31 -1.26 17.98
N VAL A 74 -14.44 -0.27 18.10
CA VAL A 74 -14.14 0.67 17.02
C VAL A 74 -12.82 0.22 16.44
N ASP A 75 -12.84 -0.29 15.20
CA ASP A 75 -11.61 -0.64 14.50
C ASP A 75 -11.05 0.63 13.86
N VAL A 76 -9.94 1.14 14.39
CA VAL A 76 -9.38 2.40 13.93
C VAL A 76 -8.26 2.16 12.92
N SER A 77 -8.34 1.03 12.20
CA SER A 77 -7.44 0.77 11.09
C SER A 77 -7.90 1.56 9.86
N THR A 78 -6.98 2.32 9.29
CA THR A 78 -7.26 3.11 8.10
C THR A 78 -6.91 2.31 6.85
N PHE A 79 -7.16 2.95 5.70
CA PHE A 79 -6.71 2.41 4.43
C PHE A 79 -5.26 1.94 4.50
N ASP A 80 -4.36 2.81 4.94
CA ASP A 80 -2.93 2.48 4.91
C ASP A 80 -2.50 1.59 6.06
N ALA A 81 -3.35 1.41 7.08
CA ALA A 81 -3.15 0.35 8.06
C ALA A 81 -3.73 -0.98 7.58
N GLY A 82 -4.11 -1.08 6.31
CA GLY A 82 -4.55 -2.33 5.73
C GLY A 82 -5.95 -2.75 6.10
N ARG A 83 -6.79 -1.81 6.53
CA ARG A 83 -8.19 -2.09 6.82
C ARG A 83 -8.83 -2.87 5.68
N ASP A 84 -9.44 -4.00 6.04
CA ASP A 84 -10.22 -4.82 5.11
C ASP A 84 -11.62 -4.94 5.71
N VAL A 85 -12.56 -4.11 5.24
CA VAL A 85 -13.85 -4.07 5.93
C VAL A 85 -14.62 -5.37 5.75
N SER A 86 -14.37 -6.08 4.64
N SER A 86 -14.38 -6.09 4.64
CA SER A 86 -15.00 -7.39 4.46
CA SER A 86 -15.02 -7.39 4.47
C SER A 86 -14.55 -8.37 5.54
C SER A 86 -14.55 -8.38 5.54
N LEU A 87 -13.27 -8.32 5.93
CA LEU A 87 -12.83 -9.08 7.09
C LEU A 87 -13.58 -8.62 8.35
N LEU A 88 -13.66 -7.29 8.55
CA LEU A 88 -14.34 -6.76 9.72
C LEU A 88 -15.80 -7.20 9.73
N ALA A 89 -16.46 -7.19 8.58
CA ALA A 89 -17.85 -7.62 8.53
C ALA A 89 -17.99 -9.09 8.90
N GLU A 90 -17.09 -9.93 8.37
CA GLU A 90 -17.19 -11.37 8.63
C GLU A 90 -17.02 -11.68 10.11
N VAL A 91 -16.02 -11.07 10.75
CA VAL A 91 -15.76 -11.42 12.15
C VAL A 91 -16.79 -10.80 13.08
N SER A 92 -17.34 -9.64 12.73
CA SER A 92 -18.36 -9.04 13.56
C SER A 92 -19.63 -9.88 13.57
N ARG A 93 -20.01 -10.39 12.40
N ARG A 93 -19.99 -10.43 12.40
CA ARG A 93 -21.15 -11.30 12.28
CA ARG A 93 -21.18 -11.27 12.30
C ARG A 93 -20.95 -12.54 13.14
C ARG A 93 -20.99 -12.58 13.07
N ALA A 94 -19.81 -13.20 12.98
CA ALA A 94 -19.57 -14.50 13.60
C ALA A 94 -19.29 -14.41 15.11
N ALA A 95 -19.02 -13.22 15.64
CA ALA A 95 -18.82 -13.05 17.08
C ALA A 95 -19.95 -12.28 17.74
N ASP A 96 -20.92 -11.80 16.97
CA ASP A 96 -21.99 -10.94 17.47
C ASP A 96 -21.44 -9.77 18.30
N VAL A 97 -20.45 -9.08 17.74
CA VAL A 97 -19.88 -7.86 18.32
C VAL A 97 -19.92 -6.80 17.22
N HIS A 98 -20.58 -5.69 17.48
CA HIS A 98 -20.59 -4.58 16.52
C HIS A 98 -19.16 -4.09 16.29
N ILE A 99 -18.86 -3.71 15.05
CA ILE A 99 -17.57 -3.11 14.73
C ILE A 99 -17.81 -1.84 13.93
N VAL A 100 -17.26 -0.73 14.43
CA VAL A 100 -17.29 0.55 13.72
C VAL A 100 -16.00 0.66 12.91
N ALA A 101 -16.13 0.95 11.62
CA ALA A 101 -15.00 1.11 10.70
C ALA A 101 -14.54 2.56 10.66
N ALA A 102 -13.28 2.75 10.27
CA ALA A 102 -12.64 4.05 10.25
C ALA A 102 -12.28 4.46 8.83
N THR A 103 -12.30 5.77 8.57
CA THR A 103 -11.56 6.37 7.47
C THR A 103 -10.42 7.21 8.04
N GLY A 104 -9.82 8.06 7.20
CA GLY A 104 -8.64 8.81 7.59
C GLY A 104 -7.37 8.15 7.09
N LEU A 105 -6.24 8.63 7.61
CA LEU A 105 -4.95 8.07 7.22
C LEU A 105 -4.02 7.95 8.42
N TRP A 106 -3.23 6.88 8.43
CA TRP A 106 -2.37 6.53 9.56
C TRP A 106 -0.94 6.90 9.19
N GLU A 107 0.07 6.17 9.66
CA GLU A 107 1.44 6.62 9.53
C GLU A 107 2.15 6.06 8.30
N ASP A 108 1.44 5.36 7.40
CA ASP A 108 2.09 4.73 6.23
C ASP A 108 1.35 4.97 4.91
N PRO A 109 0.99 6.21 4.60
CA PRO A 109 0.25 6.46 3.33
C PRO A 109 1.11 6.19 2.12
N PRO A 110 0.57 5.55 1.08
CA PRO A 110 1.34 5.34 -0.14
C PRO A 110 1.41 6.61 -0.98
N LEU A 111 2.25 6.55 -2.01
CA LEU A 111 2.40 7.69 -2.92
C LEU A 111 1.05 8.24 -3.36
N SER A 112 0.14 7.34 -3.80
CA SER A 112 -1.14 7.79 -4.32
C SER A 112 -1.96 8.55 -3.30
N MET A 113 -1.65 8.40 -2.00
CA MET A 113 -2.21 9.24 -0.95
C MET A 113 -1.33 10.44 -0.61
N ARG A 114 -0.01 10.22 -0.45
CA ARG A 114 0.92 11.29 -0.04
C ARG A 114 0.92 12.46 -1.02
N LEU A 115 0.53 12.23 -2.26
CA LEU A 115 0.59 13.27 -3.27
C LEU A 115 -0.68 14.09 -3.35
N ARG A 116 -1.69 13.80 -2.54
CA ARG A 116 -2.99 14.41 -2.71
C ARG A 116 -3.12 15.72 -1.92
N SER A 117 -4.03 16.58 -2.38
CA SER A 117 -4.26 17.87 -1.75
C SER A 117 -5.20 17.72 -0.56
N VAL A 118 -5.32 18.78 0.23
CA VAL A 118 -6.28 18.75 1.32
C VAL A 118 -7.69 18.55 0.78
N GLU A 119 -7.99 19.16 -0.38
CA GLU A 119 -9.31 19.00 -0.96
C GLU A 119 -9.56 17.57 -1.39
N GLU A 120 -8.56 16.94 -2.02
CA GLU A 120 -8.71 15.56 -2.48
C GLU A 120 -8.87 14.60 -1.30
N LEU A 121 -8.07 14.80 -0.24
CA LEU A 121 -8.21 13.96 0.95
C LEU A 121 -9.59 14.11 1.57
N THR A 122 -10.10 15.34 1.66
CA THR A 122 -11.46 15.53 2.17
C THR A 122 -12.46 14.71 1.37
N GLN A 123 -12.36 14.76 0.03
CA GLN A 123 -13.26 13.97 -0.80
C GLN A 123 -13.13 12.47 -0.52
N PHE A 124 -11.90 11.99 -0.29
CA PHE A 124 -11.73 10.56 -0.02
C PHE A 124 -12.34 10.20 1.33
N PHE A 125 -12.08 11.00 2.36
CA PHE A 125 -12.67 10.73 3.66
C PHE A 125 -14.19 10.78 3.59
N LEU A 126 -14.73 11.79 2.91
CA LEU A 126 -16.18 11.88 2.78
C LEU A 126 -16.76 10.68 2.04
N ARG A 127 -16.04 10.18 1.04
CA ARG A 127 -16.56 9.03 0.29
C ARG A 127 -16.77 7.83 1.22
N GLU A 128 -15.77 7.51 2.05
CA GLU A 128 -15.83 6.36 2.93
C GLU A 128 -16.89 6.53 4.03
N ILE A 129 -17.27 7.77 4.35
CA ILE A 129 -18.29 8.03 5.36
C ILE A 129 -19.69 8.05 4.75
N GLN A 130 -19.85 8.75 3.63
CA GLN A 130 -21.17 9.02 3.07
C GLN A 130 -21.58 8.01 2.01
N TYR A 131 -20.63 7.47 1.25
CA TYR A 131 -20.91 6.52 0.19
C TYR A 131 -20.61 5.09 0.61
N GLY A 132 -19.42 4.84 1.10
CA GLY A 132 -19.04 3.50 1.51
C GLY A 132 -17.56 3.28 1.22
N ILE A 133 -17.05 2.22 1.84
CA ILE A 133 -15.65 1.85 1.71
C ILE A 133 -15.51 0.84 0.57
N GLU A 134 -14.62 1.12 -0.37
CA GLU A 134 -14.41 0.27 -1.54
C GLU A 134 -15.77 0.07 -2.20
N ASP A 135 -16.13 -1.15 -2.60
CA ASP A 135 -17.42 -1.46 -3.20
C ASP A 135 -18.33 -2.24 -2.24
N THR A 136 -18.14 -2.07 -0.93
CA THR A 136 -18.88 -2.86 0.06
C THR A 136 -20.15 -2.19 0.56
N GLY A 137 -20.33 -0.88 0.37
CA GLY A 137 -21.43 -0.21 1.00
C GLY A 137 -21.27 0.05 2.49
N ILE A 138 -20.19 -0.43 3.10
CA ILE A 138 -19.96 -0.21 4.53
C ILE A 138 -19.41 1.20 4.73
N ARG A 139 -20.09 1.98 5.57
CA ARG A 139 -19.72 3.37 5.80
C ARG A 139 -18.92 3.51 7.08
N ALA A 140 -17.85 4.30 7.02
CA ALA A 140 -17.04 4.60 8.20
C ALA A 140 -17.83 5.41 9.23
N GLY A 141 -17.61 5.11 10.51
CA GLY A 141 -18.21 5.85 11.59
C GLY A 141 -17.26 6.71 12.40
N ILE A 142 -16.00 6.84 11.97
CA ILE A 142 -14.99 7.60 12.70
C ILE A 142 -13.86 7.89 11.74
N ILE A 143 -13.12 8.97 12.00
CA ILE A 143 -11.96 9.37 11.20
C ILE A 143 -10.72 9.28 12.07
N LYS A 144 -9.72 8.54 11.59
CA LYS A 144 -8.48 8.31 12.30
C LYS A 144 -7.36 9.14 11.67
N VAL A 145 -6.57 9.83 12.51
CA VAL A 145 -5.41 10.59 12.05
C VAL A 145 -4.20 10.26 12.93
N ALA A 146 -3.04 10.76 12.50
CA ALA A 146 -1.79 10.39 13.16
C ALA A 146 -0.72 11.46 13.03
N THR A 147 0.01 11.70 14.12
CA THR A 147 1.31 12.35 14.10
C THR A 147 2.29 11.55 14.95
N GLN A 148 3.58 11.72 14.67
CA GLN A 148 4.65 11.11 15.47
C GLN A 148 5.66 12.21 15.83
N GLY A 149 5.29 13.07 16.77
CA GLY A 149 6.00 14.33 16.95
C GLY A 149 5.41 15.39 16.05
N LYS A 150 6.19 16.46 15.83
CA LYS A 150 5.77 17.56 14.96
C LYS A 150 5.22 17.04 13.63
N ALA A 151 4.05 17.53 13.24
CA ALA A 151 3.40 17.04 12.04
C ALA A 151 4.22 17.34 10.79
N THR A 152 4.32 16.34 9.91
CA THR A 152 4.83 16.60 8.57
C THR A 152 3.87 17.52 7.82
N PRO A 153 4.32 18.11 6.70
CA PRO A 153 3.36 18.86 5.89
C PRO A 153 2.15 18.02 5.50
N PHE A 154 2.36 16.76 5.11
CA PHE A 154 1.22 15.95 4.71
C PHE A 154 0.29 15.67 5.89
N GLN A 155 0.85 15.38 7.06
CA GLN A 155 0.00 15.13 8.24
C GLN A 155 -0.86 16.35 8.58
N GLU A 156 -0.34 17.55 8.37
CA GLU A 156 -1.17 18.75 8.52
C GLU A 156 -2.36 18.72 7.58
N LEU A 157 -2.14 18.34 6.31
CA LEU A 157 -3.25 18.20 5.36
C LEU A 157 -4.29 17.21 5.87
N VAL A 158 -3.82 16.07 6.38
CA VAL A 158 -4.73 15.02 6.85
C VAL A 158 -5.56 15.52 8.02
N LEU A 159 -4.93 16.19 8.99
CA LEU A 159 -5.69 16.71 10.13
C LEU A 159 -6.77 17.67 9.63
N ARG A 160 -6.42 18.55 8.68
CA ARG A 160 -7.39 19.52 8.17
C ARG A 160 -8.51 18.84 7.41
N ALA A 161 -8.16 17.88 6.53
CA ALA A 161 -9.18 17.12 5.82
C ALA A 161 -10.07 16.36 6.80
N ALA A 162 -9.48 15.77 7.84
CA ALA A 162 -10.28 15.08 8.86
C ALA A 162 -11.25 16.03 9.54
N ALA A 163 -10.78 17.22 9.92
CA ALA A 163 -11.67 18.23 10.51
C ALA A 163 -12.83 18.58 9.57
N ARG A 164 -12.51 18.84 8.29
CA ARG A 164 -13.55 19.21 7.32
C ARG A 164 -14.54 18.08 7.12
N ALA A 165 -14.06 16.85 7.04
CA ALA A 165 -14.98 15.72 6.89
C ALA A 165 -15.86 15.54 8.14
N SER A 166 -15.28 15.73 9.33
CA SER A 166 -16.08 15.63 10.54
C SER A 166 -17.16 16.70 10.56
N LEU A 167 -16.81 17.94 10.21
CA LEU A 167 -17.79 19.01 10.19
C LEU A 167 -18.94 18.73 9.24
N ALA A 168 -18.63 18.16 8.07
CA ALA A 168 -19.66 17.91 7.07
C ALA A 168 -20.59 16.75 7.43
N THR A 169 -20.15 15.84 8.31
CA THR A 169 -20.89 14.61 8.58
C THR A 169 -21.24 14.41 10.05
N GLY A 170 -20.58 15.08 10.97
CA GLY A 170 -20.79 14.85 12.38
C GLY A 170 -20.06 13.67 12.96
N VAL A 171 -19.34 12.87 12.17
CA VAL A 171 -18.63 11.74 12.77
C VAL A 171 -17.37 12.27 13.44
N PRO A 172 -16.91 11.64 14.52
CA PRO A 172 -15.82 12.20 15.31
C PRO A 172 -14.45 11.81 14.75
N VAL A 173 -13.42 12.42 15.32
CA VAL A 173 -12.04 12.23 14.92
C VAL A 173 -11.31 11.61 16.11
N THR A 174 -10.45 10.63 15.82
CA THR A 174 -9.62 10.02 16.84
C THR A 174 -8.19 10.02 16.33
N THR A 175 -7.22 10.20 17.23
CA THR A 175 -5.86 10.45 16.80
C THR A 175 -4.89 9.45 17.40
N HIS A 176 -3.84 9.15 16.64
CA HIS A 176 -2.60 8.55 17.10
C HIS A 176 -1.64 9.69 17.47
N THR A 177 -1.09 9.65 18.69
CA THR A 177 -0.10 10.63 19.08
C THR A 177 1.19 9.96 19.48
N PHE A 178 2.26 10.75 19.43
CA PHE A 178 3.47 10.56 20.23
C PHE A 178 3.23 11.35 21.52
N ALA A 179 2.67 10.68 22.54
CA ALA A 179 2.13 11.41 23.70
C ALA A 179 3.23 12.13 24.48
N SER A 180 4.43 11.56 24.52
CA SER A 180 5.49 12.20 25.29
C SER A 180 6.07 13.43 24.58
N GLN A 181 5.72 13.66 23.31
CA GLN A 181 6.01 14.94 22.67
C GLN A 181 4.78 15.84 22.65
N ARG A 182 3.74 15.49 23.42
CA ARG A 182 2.56 16.33 23.57
C ARG A 182 1.89 16.64 22.24
N ASP A 183 1.85 15.65 21.33
CA ASP A 183 1.30 15.89 20.00
C ASP A 183 -0.13 16.39 20.04
N GLY A 184 -0.90 16.01 21.05
CA GLY A 184 -2.29 16.43 21.13
C GLY A 184 -2.43 17.95 21.08
N GLU A 185 -1.44 18.67 21.59
CA GLU A 185 -1.51 20.13 21.57
C GLU A 185 -1.46 20.66 20.14
N GLN A 186 -0.51 20.19 19.33
CA GLN A 186 -0.48 20.63 17.93
C GLN A 186 -1.72 20.14 17.18
N GLN A 187 -2.19 18.92 17.48
CA GLN A 187 -3.38 18.43 16.82
C GLN A 187 -4.59 19.29 17.15
N ALA A 188 -4.77 19.60 18.46
CA ALA A 188 -5.81 20.52 18.89
C ALA A 188 -5.71 21.88 18.19
N ALA A 189 -4.49 22.42 18.07
CA ALA A 189 -4.35 23.74 17.43
C ALA A 189 -4.84 23.71 15.99
N ILE A 190 -4.45 22.67 15.24
CA ILE A 190 -4.84 22.59 13.84
C ILE A 190 -6.34 22.34 13.72
N PHE A 191 -6.88 21.43 14.54
CA PHE A 191 -8.32 21.18 14.54
C PHE A 191 -9.10 22.45 14.83
N GLU A 192 -8.67 23.22 15.84
CA GLU A 192 -9.42 24.41 16.22
C GLU A 192 -9.30 25.49 15.16
N SER A 193 -8.18 25.53 14.44
CA SER A 193 -8.05 26.45 13.33
C SER A 193 -9.02 26.12 12.19
N GLU A 194 -9.56 24.89 12.14
CA GLU A 194 -10.59 24.53 11.17
C GLU A 194 -12.00 24.66 11.73
N GLY A 195 -12.15 25.12 12.97
CA GLY A 195 -13.47 25.27 13.56
C GLY A 195 -14.04 24.00 14.12
N LEU A 196 -13.21 22.98 14.33
CA LEU A 196 -13.69 21.71 14.86
C LEU A 196 -13.84 21.81 16.36
N SER A 197 -14.94 21.26 16.88
CA SER A 197 -15.18 21.31 18.31
C SER A 197 -14.37 20.23 19.03
N PRO A 198 -13.64 20.58 20.09
CA PRO A 198 -12.88 19.57 20.85
C PRO A 198 -13.69 18.36 21.28
N SER A 199 -14.99 18.51 21.54
CA SER A 199 -15.81 17.39 21.98
C SER A 199 -16.01 16.36 20.87
N ARG A 200 -15.58 16.67 19.66
CA ARG A 200 -15.60 15.73 18.55
C ARG A 200 -14.28 15.00 18.36
N VAL A 201 -13.33 15.18 19.27
CA VAL A 201 -11.95 14.73 19.07
C VAL A 201 -11.51 13.89 20.26
N CYS A 202 -10.94 12.72 19.98
CA CYS A 202 -10.28 11.91 21.00
C CYS A 202 -8.78 11.94 20.72
N ILE A 203 -8.00 12.41 21.69
CA ILE A 203 -6.54 12.44 21.61
C ILE A 203 -6.04 11.09 22.14
N GLY A 204 -5.64 10.20 21.23
CA GLY A 204 -5.34 8.83 21.56
C GLY A 204 -3.89 8.58 21.95
N HIS A 205 -3.63 7.34 22.37
CA HIS A 205 -2.36 6.88 22.94
C HIS A 205 -1.93 7.76 24.10
N SER A 206 -2.88 8.42 24.77
CA SER A 206 -2.50 9.34 25.83
C SER A 206 -2.01 8.61 27.08
N ASP A 207 -2.27 7.30 27.19
CA ASP A 207 -1.70 6.55 28.31
C ASP A 207 -0.24 6.21 28.09
N ASP A 208 0.35 6.62 26.96
CA ASP A 208 1.77 6.43 26.70
C ASP A 208 2.64 7.41 27.48
N THR A 209 2.04 8.43 28.09
CA THR A 209 2.78 9.39 28.89
C THR A 209 2.27 9.37 30.32
N ASP A 210 3.13 9.78 31.25
CA ASP A 210 2.74 9.97 32.63
C ASP A 210 2.58 11.45 32.99
N ASP A 211 2.71 12.35 32.02
CA ASP A 211 2.55 13.79 32.27
C ASP A 211 1.06 14.11 32.37
N LEU A 212 0.54 14.12 33.60
CA LEU A 212 -0.89 14.35 33.79
C LEU A 212 -1.28 15.79 33.47
N SER A 213 -0.38 16.75 33.67
CA SER A 213 -0.73 18.13 33.38
C SER A 213 -0.96 18.35 31.88
N TYR A 214 -0.18 17.67 31.02
CA TYR A 214 -0.47 17.67 29.59
C TYR A 214 -1.90 17.19 29.33
N LEU A 215 -2.28 16.06 29.93
CA LEU A 215 -3.60 15.49 29.67
C LEU A 215 -4.73 16.36 30.20
N THR A 216 -4.59 16.91 31.42
CA THR A 216 -5.72 17.64 32.01
C THR A 216 -5.94 18.99 31.33
N ALA A 217 -4.87 19.64 30.88
CA ALA A 217 -5.03 20.87 30.10
C ALA A 217 -5.84 20.61 28.83
N LEU A 218 -5.55 19.51 28.14
CA LEU A 218 -6.33 19.16 26.96
C LEU A 218 -7.79 18.89 27.32
N ALA A 219 -8.01 18.10 28.37
CA ALA A 219 -9.38 17.81 28.81
C ALA A 219 -10.10 19.08 29.25
N ALA A 220 -9.39 19.99 29.94
CA ALA A 220 -10.03 21.24 30.34
C ALA A 220 -10.44 22.09 29.14
N ARG A 221 -9.88 21.81 27.96
CA ARG A 221 -10.31 22.44 26.72
C ARG A 221 -11.44 21.69 26.02
N GLY A 222 -11.93 20.60 26.59
CA GLY A 222 -13.06 19.87 26.02
C GLY A 222 -12.70 18.60 25.26
N TYR A 223 -11.42 18.28 25.11
CA TYR A 223 -11.04 17.09 24.37
C TYR A 223 -11.34 15.83 25.15
N LEU A 224 -11.56 14.76 24.40
CA LEU A 224 -11.60 13.42 24.97
C LEU A 224 -10.18 12.86 24.97
N ILE A 225 -9.89 12.09 26.01
CA ILE A 225 -8.55 11.55 26.25
C ILE A 225 -8.65 10.04 26.09
N GLY A 226 -7.92 9.50 25.11
CA GLY A 226 -7.94 8.09 24.83
C GLY A 226 -6.82 7.36 25.55
N LEU A 227 -7.17 6.63 26.61
CA LEU A 227 -6.22 5.79 27.31
C LEU A 227 -6.42 4.39 26.74
N ASP A 228 -5.76 4.14 25.61
CA ASP A 228 -6.21 3.08 24.72
C ASP A 228 -5.24 1.92 24.57
N GLY A 229 -4.07 1.95 25.20
CA GLY A 229 -3.15 0.82 25.13
C GLY A 229 -2.84 0.19 26.48
N ILE A 230 -3.85 0.04 27.33
CA ILE A 230 -3.62 -0.36 28.72
C ILE A 230 -2.77 -1.63 28.85
N PRO A 231 -3.03 -2.71 28.10
CA PRO A 231 -2.21 -3.92 28.26
C PRO A 231 -0.87 -3.88 27.54
N HIS A 232 -0.48 -2.77 26.89
CA HIS A 232 0.80 -2.70 26.19
C HIS A 232 1.93 -2.61 27.21
N SER A 233 2.72 -3.67 27.36
CA SER A 233 3.84 -3.66 28.29
C SER A 233 4.83 -4.76 27.94
N ALA A 234 6.11 -4.42 27.94
CA ALA A 234 7.17 -5.39 27.70
C ALA A 234 7.88 -5.78 29.00
N ILE A 235 7.20 -5.60 30.14
CA ILE A 235 7.75 -6.10 31.39
C ILE A 235 7.87 -7.62 31.30
N GLY A 236 9.06 -8.14 31.58
CA GLY A 236 9.35 -9.54 31.42
C GLY A 236 9.92 -9.92 30.07
N LEU A 237 9.96 -8.99 29.12
CA LEU A 237 10.53 -9.20 27.80
C LEU A 237 11.75 -8.32 27.57
N GLU A 238 12.50 -8.05 28.64
CA GLU A 238 13.57 -7.05 28.59
C GLU A 238 14.69 -7.43 27.61
N ASP A 239 14.85 -8.72 27.29
CA ASP A 239 15.83 -9.13 26.30
C ASP A 239 15.29 -9.08 24.87
N ASN A 240 14.07 -8.58 24.67
CA ASN A 240 13.47 -8.45 23.35
C ASN A 240 13.47 -6.97 22.96
N ALA A 241 14.48 -6.55 22.20
CA ALA A 241 14.62 -5.14 21.82
C ALA A 241 13.41 -4.64 21.04
N SER A 242 12.90 -5.43 20.08
CA SER A 242 11.83 -4.94 19.22
C SER A 242 10.49 -4.84 19.96
N ALA A 243 10.15 -5.85 20.76
CA ALA A 243 8.96 -5.75 21.61
C ALA A 243 9.06 -4.61 22.62
N SER A 244 10.24 -4.42 23.21
CA SER A 244 10.40 -3.36 24.20
C SER A 244 10.20 -1.99 23.58
N ALA A 245 10.74 -1.79 22.37
CA ALA A 245 10.56 -0.50 21.69
C ALA A 245 9.08 -0.23 21.43
N LEU A 246 8.33 -1.23 21.00
CA LEU A 246 6.93 -1.03 20.64
C LEU A 246 6.04 -0.93 21.88
N LEU A 247 6.19 -1.86 22.83
CA LEU A 247 5.26 -1.96 23.95
C LEU A 247 5.62 -1.08 25.14
N GLY A 248 6.88 -0.67 25.28
CA GLY A 248 7.30 0.17 26.39
C GLY A 248 7.54 -0.64 27.66
N ASN A 249 8.20 0.00 28.63
CA ASN A 249 8.54 -0.67 29.88
C ASN A 249 7.69 -0.19 31.05
N ARG A 250 6.63 0.58 30.80
CA ARG A 250 5.65 0.89 31.84
C ARG A 250 4.62 -0.22 31.95
N SER A 251 4.23 -0.54 33.19
CA SER A 251 3.30 -1.62 33.45
C SER A 251 1.88 -1.24 33.02
N TRP A 252 1.05 -2.27 32.83
CA TRP A 252 -0.36 -1.99 32.58
C TRP A 252 -0.99 -1.31 33.79
N GLN A 253 -0.55 -1.66 35.01
CA GLN A 253 -1.04 -0.99 36.21
C GLN A 253 -0.76 0.51 36.18
N THR A 254 0.45 0.90 35.74
CA THR A 254 0.76 2.32 35.62
C THR A 254 -0.13 3.00 34.59
N ARG A 255 -0.37 2.35 33.45
CA ARG A 255 -1.29 2.93 32.48
C ARG A 255 -2.70 3.03 33.05
N ALA A 256 -3.16 1.99 33.76
CA ALA A 256 -4.51 1.99 34.29
C ALA A 256 -4.71 3.05 35.37
N LEU A 257 -3.66 3.35 36.14
CA LEU A 257 -3.76 4.37 37.18
C LEU A 257 -4.06 5.75 36.59
N LEU A 258 -3.71 5.97 35.32
CA LEU A 258 -4.06 7.23 34.67
C LEU A 258 -5.56 7.37 34.50
N ILE A 259 -6.25 6.25 34.33
CA ILE A 259 -7.72 6.30 34.29
C ILE A 259 -8.24 6.86 35.62
N LYS A 260 -7.78 6.29 36.74
CA LYS A 260 -8.24 6.75 38.04
C LYS A 260 -7.82 8.19 38.28
N ALA A 261 -6.60 8.55 37.88
CA ALA A 261 -6.13 9.92 38.08
C ALA A 261 -7.03 10.92 37.36
N LEU A 262 -7.39 10.64 36.11
CA LEU A 262 -8.28 11.55 35.38
C LEU A 262 -9.70 11.55 35.97
N ILE A 263 -10.17 10.41 36.47
CA ILE A 263 -11.44 10.41 37.21
C ILE A 263 -11.34 11.32 38.43
N ASP A 264 -10.26 11.16 39.20
CA ASP A 264 -10.08 11.94 40.43
C ASP A 264 -9.95 13.43 40.15
N GLN A 265 -9.54 13.82 38.94
CA GLN A 265 -9.42 15.23 38.57
C GLN A 265 -10.69 15.78 37.91
N GLY A 266 -11.76 15.00 37.85
CA GLY A 266 -13.05 15.49 37.37
C GLY A 266 -13.35 15.26 35.90
N TYR A 267 -12.57 14.42 35.21
CA TYR A 267 -12.69 14.28 33.76
C TYR A 267 -13.29 12.93 33.35
N MET A 268 -14.08 12.32 34.24
CA MET A 268 -14.61 10.98 33.93
C MET A 268 -15.49 10.98 32.68
N LYS A 269 -16.18 12.08 32.39
CA LYS A 269 -17.03 12.15 31.20
C LYS A 269 -16.25 12.35 29.90
N GLN A 270 -14.92 12.45 29.96
CA GLN A 270 -14.11 12.63 28.76
C GLN A 270 -13.05 11.57 28.60
N ILE A 271 -13.11 10.47 29.37
CA ILE A 271 -12.16 9.37 29.24
C ILE A 271 -12.72 8.32 28.28
N LEU A 272 -11.87 7.84 27.37
CA LEU A 272 -12.17 6.69 26.52
C LEU A 272 -11.07 5.64 26.75
N VAL A 273 -11.48 4.40 27.06
CA VAL A 273 -10.56 3.32 27.42
C VAL A 273 -10.58 2.23 26.35
N SER A 274 -9.40 1.67 26.07
CA SER A 274 -9.31 0.58 25.10
C SER A 274 -8.00 -0.17 25.31
N ASN A 275 -7.80 -1.23 24.50
CA ASN A 275 -6.62 -2.10 24.55
C ASN A 275 -5.60 -1.80 23.45
N ASP A 276 -6.05 -1.21 22.35
CA ASP A 276 -5.25 -1.10 21.13
C ASP A 276 -4.63 -2.45 20.80
N TRP A 277 -5.49 -3.47 20.78
CA TRP A 277 -5.08 -4.83 20.50
C TRP A 277 -5.34 -5.16 19.04
N LEU A 278 -4.91 -6.35 18.64
CA LEU A 278 -5.10 -6.81 17.28
C LEU A 278 -4.94 -8.32 17.23
N PHE A 279 -5.48 -8.92 16.18
CA PHE A 279 -5.40 -10.37 15.99
C PHE A 279 -4.44 -10.78 14.90
N GLY A 280 -4.10 -9.88 13.99
CA GLY A 280 -2.97 -10.06 13.10
C GLY A 280 -2.17 -8.77 13.08
N PHE A 281 -0.89 -8.90 12.71
CA PHE A 281 0.02 -7.76 12.86
C PHE A 281 1.18 -7.97 11.88
N SER A 282 1.11 -7.33 10.72
CA SER A 282 2.13 -7.51 9.71
C SER A 282 3.04 -6.29 9.54
N SER A 283 2.66 -5.14 10.10
CA SER A 283 3.41 -3.90 9.86
C SER A 283 4.57 -3.71 10.84
N TYR A 284 5.00 -4.77 11.52
CA TYR A 284 6.15 -4.68 12.42
C TYR A 284 7.01 -5.92 12.19
N VAL A 285 7.86 -6.27 13.17
CA VAL A 285 8.68 -7.46 13.06
C VAL A 285 7.79 -8.70 13.06
N THR A 286 8.33 -9.80 12.52
CA THR A 286 7.50 -10.93 12.17
C THR A 286 6.87 -11.58 13.40
N ASN A 287 7.62 -11.73 14.48
CA ASN A 287 7.10 -12.49 15.62
C ASN A 287 6.19 -11.68 16.56
N ILE A 288 5.84 -10.44 16.22
CA ILE A 288 5.34 -9.53 17.26
C ILE A 288 3.96 -9.96 17.76
N MET A 289 3.11 -10.52 16.89
CA MET A 289 1.80 -10.92 17.35
C MET A 289 1.88 -12.06 18.37
N ASP A 290 2.76 -13.04 18.13
CA ASP A 290 2.94 -14.12 19.11
C ASP A 290 3.47 -13.57 20.43
N VAL A 291 4.41 -12.62 20.37
CA VAL A 291 4.98 -12.07 21.60
C VAL A 291 3.91 -11.34 22.39
N MET A 292 3.14 -10.46 21.72
CA MET A 292 2.03 -9.76 22.38
C MET A 292 1.03 -10.74 22.97
N ASP A 293 0.67 -11.80 22.24
CA ASP A 293 -0.29 -12.78 22.76
C ASP A 293 0.27 -13.51 23.99
N SER A 294 1.59 -13.69 24.05
CA SER A 294 2.16 -14.42 25.17
C SER A 294 2.07 -13.60 26.46
N VAL A 295 2.05 -12.28 26.38
CA VAL A 295 1.92 -11.49 27.60
C VAL A 295 0.50 -11.06 27.91
N ASN A 296 -0.38 -11.01 26.92
CA ASN A 296 -1.79 -10.69 27.17
C ASN A 296 -2.69 -11.66 26.40
N PRO A 297 -2.83 -12.90 26.90
CA PRO A 297 -3.76 -13.84 26.27
C PRO A 297 -5.21 -13.37 26.29
N ASP A 298 -5.59 -12.50 27.22
CA ASP A 298 -6.98 -12.01 27.24
C ASP A 298 -7.30 -11.11 26.05
N GLY A 299 -6.28 -10.61 25.34
CA GLY A 299 -6.56 -9.83 24.14
C GLY A 299 -7.43 -8.62 24.42
N MET A 300 -8.51 -8.48 23.63
CA MET A 300 -9.42 -7.36 23.80
C MET A 300 -10.29 -7.48 25.06
N ALA A 301 -10.38 -8.66 25.66
CA ALA A 301 -11.12 -8.77 26.91
C ALA A 301 -10.33 -8.24 28.11
N PHE A 302 -9.12 -7.70 27.87
CA PHE A 302 -8.29 -7.25 28.97
C PHE A 302 -8.93 -6.10 29.75
N ILE A 303 -9.54 -5.14 29.05
CA ILE A 303 -10.20 -4.04 29.75
C ILE A 303 -11.28 -4.54 30.71
N PRO A 304 -12.27 -5.32 30.27
CA PRO A 304 -13.33 -5.74 31.22
C PRO A 304 -12.87 -6.79 32.21
N LEU A 305 -11.92 -7.67 31.86
CA LEU A 305 -11.53 -8.74 32.77
C LEU A 305 -10.48 -8.31 33.80
N ARG A 306 -9.68 -7.30 33.50
CA ARG A 306 -8.57 -6.94 34.38
C ARG A 306 -8.65 -5.49 34.84
N VAL A 307 -8.92 -4.56 33.91
CA VAL A 307 -8.87 -3.15 34.27
C VAL A 307 -10.09 -2.77 35.11
N ILE A 308 -11.27 -3.30 34.75
CA ILE A 308 -12.46 -3.03 35.56
C ILE A 308 -12.27 -3.50 37.00
N PRO A 309 -11.85 -4.75 37.27
CA PRO A 309 -11.65 -5.14 38.67
C PRO A 309 -10.56 -4.36 39.38
N PHE A 310 -9.49 -3.99 38.66
CA PHE A 310 -8.42 -3.19 39.25
C PHE A 310 -8.93 -1.84 39.72
N LEU A 311 -9.80 -1.20 38.93
CA LEU A 311 -10.31 0.11 39.32
C LEU A 311 -11.36 0.01 40.41
N ARG A 312 -12.23 -1.01 40.34
CA ARG A 312 -13.21 -1.22 41.41
C ARG A 312 -12.52 -1.40 42.76
N GLU A 313 -11.38 -2.08 42.79
CA GLU A 313 -10.64 -2.25 44.03
C GLU A 313 -10.08 -0.93 44.53
N LYS A 314 -9.68 -0.04 43.61
CA LYS A 314 -9.22 1.29 43.95
C LYS A 314 -10.34 2.21 44.42
N GLY A 315 -11.58 1.75 44.42
CA GLY A 315 -12.72 2.54 44.86
C GLY A 315 -13.53 3.22 43.77
N VAL A 316 -13.23 2.98 42.49
CA VAL A 316 -14.07 3.56 41.45
C VAL A 316 -15.42 2.87 41.44
N PRO A 317 -16.52 3.59 41.62
CA PRO A 317 -17.84 2.94 41.67
C PRO A 317 -18.27 2.45 40.30
N GLN A 318 -19.16 1.46 40.33
CA GLN A 318 -19.57 0.80 39.08
C GLN A 318 -20.23 1.78 38.12
N GLU A 319 -20.98 2.76 38.63
CA GLU A 319 -21.63 3.72 37.74
C GLU A 319 -20.61 4.57 37.01
N THR A 320 -19.47 4.87 37.65
CA THR A 320 -18.43 5.61 36.95
C THR A 320 -17.85 4.77 35.81
N LEU A 321 -17.65 3.48 36.04
CA LEU A 321 -17.08 2.62 35.00
C LEU A 321 -18.06 2.38 33.86
N ALA A 322 -19.35 2.30 34.17
CA ALA A 322 -20.36 2.21 33.11
C ALA A 322 -20.41 3.49 32.28
N GLY A 323 -20.29 4.64 32.93
CA GLY A 323 -20.26 5.90 32.19
C GLY A 323 -19.06 5.99 31.26
N ILE A 324 -17.90 5.49 31.69
CA ILE A 324 -16.72 5.54 30.84
C ILE A 324 -16.83 4.56 29.68
N THR A 325 -17.32 3.34 29.93
CA THR A 325 -17.31 2.31 28.90
C THR A 325 -18.59 2.27 28.05
N VAL A 326 -19.67 2.90 28.50
CA VAL A 326 -20.92 2.84 27.77
C VAL A 326 -21.36 4.24 27.38
N THR A 327 -21.49 5.14 28.36
CA THR A 327 -22.06 6.46 28.04
C THR A 327 -21.10 7.30 27.20
N ASN A 328 -19.81 7.33 27.55
CA ASN A 328 -18.86 8.14 26.79
C ASN A 328 -18.74 7.70 25.34
N PRO A 329 -18.54 6.42 25.02
CA PRO A 329 -18.41 6.05 23.60
C PRO A 329 -19.66 6.34 22.80
N ALA A 330 -20.84 6.16 23.39
CA ALA A 330 -22.09 6.46 22.70
C ALA A 330 -22.18 7.93 22.34
N ARG A 331 -21.93 8.80 23.33
CA ARG A 331 -21.92 10.24 23.10
C ARG A 331 -20.89 10.63 22.05
N PHE A 332 -19.70 10.00 22.09
CA PHE A 332 -18.64 10.35 21.17
C PHE A 332 -18.97 9.90 19.74
N LEU A 333 -19.47 8.67 19.59
CA LEU A 333 -19.71 8.14 18.25
C LEU A 333 -20.98 8.67 17.59
N SER A 334 -21.97 9.07 18.37
N SER A 334 -21.97 9.07 18.37
CA SER A 334 -23.20 9.59 17.81
CA SER A 334 -23.20 9.57 17.78
C SER A 334 -22.91 10.82 16.95
C SER A 334 -22.90 10.81 16.95
N PRO A 335 -23.28 10.82 15.67
CA PRO A 335 -22.91 11.97 14.81
C PRO A 335 -23.66 13.23 15.19
N THR A 336 -22.96 14.37 15.10
CA THR A 336 -23.54 15.68 15.39
C THR A 336 -24.02 16.38 14.11
N ILE B 1 12.08 -23.70 -38.70
CA ILE B 1 10.75 -24.30 -38.80
C ILE B 1 9.87 -23.84 -37.64
N SER B 2 10.38 -23.96 -36.41
CA SER B 2 9.60 -23.71 -35.21
C SER B 2 9.19 -22.24 -35.03
N GLU B 3 9.49 -21.36 -35.97
CA GLU B 3 9.07 -19.96 -35.87
C GLU B 3 7.63 -19.80 -36.36
N ASP B 10 7.09 -25.10 -24.73
CA ASP B 10 7.39 -24.14 -23.68
C ASP B 10 6.38 -22.98 -23.69
N ARG B 11 6.10 -22.40 -22.52
CA ARG B 11 4.99 -21.46 -22.43
C ARG B 11 5.30 -20.34 -21.45
N ILE B 12 4.69 -19.18 -21.72
CA ILE B 12 4.78 -17.98 -20.90
C ILE B 12 3.45 -17.79 -20.18
N ASN B 13 3.51 -17.48 -18.89
CA ASN B 13 2.29 -17.21 -18.15
C ASN B 13 1.82 -15.78 -18.39
N THR B 14 0.54 -15.64 -18.74
CA THR B 14 -0.14 -14.36 -18.89
C THR B 14 -1.35 -14.28 -17.97
N VAL B 15 -1.97 -13.10 -17.92
CA VAL B 15 -3.15 -12.93 -17.07
C VAL B 15 -4.34 -13.74 -17.57
N ARG B 16 -4.28 -14.30 -18.78
CA ARG B 16 -5.32 -15.18 -19.30
C ARG B 16 -4.91 -16.65 -19.31
N GLY B 17 -3.72 -16.98 -18.82
CA GLY B 17 -3.23 -18.33 -18.84
C GLY B 17 -1.96 -18.47 -19.64
N PRO B 18 -1.52 -19.71 -19.83
CA PRO B 18 -0.28 -19.94 -20.58
C PRO B 18 -0.46 -19.68 -22.08
N ILE B 19 0.56 -19.10 -22.68
CA ILE B 19 0.62 -18.94 -24.12
C ILE B 19 1.94 -19.49 -24.61
N THR B 20 1.97 -19.97 -25.85
CA THR B 20 3.24 -20.40 -26.41
C THR B 20 4.08 -19.19 -26.80
N ILE B 21 5.39 -19.42 -26.91
CA ILE B 21 6.32 -18.36 -27.26
C ILE B 21 5.97 -17.73 -28.60
N SER B 22 5.40 -18.51 -29.52
CA SER B 22 5.06 -17.98 -30.84
C SER B 22 3.85 -17.05 -30.79
N GLU B 23 2.91 -17.32 -29.89
CA GLU B 23 1.76 -16.44 -29.74
C GLU B 23 2.12 -15.09 -29.15
N ALA B 24 3.27 -14.98 -28.48
CA ALA B 24 3.65 -13.72 -27.86
C ALA B 24 3.85 -12.62 -28.90
N GLY B 25 4.51 -12.95 -30.01
CA GLY B 25 4.68 -12.00 -31.09
C GLY B 25 5.33 -10.70 -30.64
N PHE B 26 5.02 -9.63 -31.36
CA PHE B 26 5.50 -8.30 -31.04
C PHE B 26 5.17 -7.96 -29.59
N THR B 27 6.20 -7.78 -28.76
CA THR B 27 6.05 -7.67 -27.32
C THR B 27 6.68 -6.39 -26.80
N LEU B 28 5.89 -5.58 -26.11
CA LEU B 28 6.40 -4.43 -25.36
C LEU B 28 6.74 -4.90 -23.95
N THR B 29 8.02 -4.80 -23.58
CA THR B 29 8.54 -5.43 -22.38
C THR B 29 8.44 -4.58 -21.11
N HIS B 30 8.00 -3.31 -21.19
CA HIS B 30 7.90 -2.49 -19.97
C HIS B 30 6.73 -1.51 -20.14
N GLU B 31 5.56 -1.88 -19.63
CA GLU B 31 4.34 -1.07 -19.71
C GLU B 31 3.57 -1.18 -18.40
N HIS B 32 2.51 -0.39 -18.28
CA HIS B 32 1.59 -0.46 -17.15
C HIS B 32 0.20 -0.20 -17.66
N ILE B 33 -0.77 -1.00 -17.22
CA ILE B 33 -2.15 -0.58 -17.41
C ILE B 33 -2.45 0.62 -16.51
N CYS B 34 -1.97 0.59 -15.27
CA CYS B 34 -2.32 1.66 -14.33
C CYS B 34 -1.25 1.73 -13.24
N GLY B 35 -0.58 2.87 -13.15
CA GLY B 35 0.46 3.08 -12.14
C GLY B 35 -0.14 3.68 -10.88
N SER B 36 -0.30 2.87 -9.84
CA SER B 36 -1.04 3.33 -8.68
C SER B 36 -0.36 2.89 -7.39
N SER B 37 -1.16 2.61 -6.37
CA SER B 37 -0.68 2.09 -5.10
C SER B 37 -1.55 0.92 -4.70
N ALA B 38 -0.99 0.00 -3.91
CA ALA B 38 -1.77 -1.14 -3.46
C ALA B 38 -3.08 -0.69 -2.79
N GLY B 39 -4.18 -1.32 -3.18
CA GLY B 39 -5.49 -1.02 -2.64
C GLY B 39 -6.14 0.26 -3.13
N PHE B 40 -5.40 1.11 -3.86
CA PHE B 40 -5.91 2.45 -4.14
C PHE B 40 -7.04 2.43 -5.17
N LEU B 41 -6.89 1.67 -6.25
CA LEU B 41 -7.95 1.61 -7.24
C LEU B 41 -9.24 1.08 -6.65
N ARG B 42 -9.14 0.12 -5.72
CA ARG B 42 -10.36 -0.39 -5.07
C ARG B 42 -10.94 0.61 -4.08
N ALA B 43 -10.08 1.32 -3.34
CA ALA B 43 -10.59 2.26 -2.35
C ALA B 43 -11.07 3.57 -2.97
N TRP B 44 -10.52 3.96 -4.12
CA TRP B 44 -10.84 5.29 -4.64
C TRP B 44 -10.87 5.31 -6.16
N PRO B 45 -11.75 4.51 -6.78
CA PRO B 45 -11.80 4.48 -8.26
C PRO B 45 -12.23 5.81 -8.87
N GLU B 46 -12.95 6.66 -8.13
CA GLU B 46 -13.35 7.96 -8.65
C GLU B 46 -12.16 8.85 -9.00
N PHE B 47 -11.00 8.60 -8.38
CA PHE B 47 -9.79 9.33 -8.76
C PHE B 47 -9.54 9.21 -10.26
N PHE B 48 -9.81 8.04 -10.84
CA PHE B 48 -9.62 7.80 -12.26
C PHE B 48 -10.88 8.05 -13.07
N GLY B 49 -11.82 8.84 -12.54
CA GLY B 49 -13.14 8.94 -13.11
C GLY B 49 -14.05 7.86 -12.56
N SER B 50 -13.77 6.62 -12.93
CA SER B 50 -14.48 5.43 -12.48
C SER B 50 -13.65 4.23 -12.90
N ARG B 51 -13.91 3.08 -12.28
CA ARG B 51 -13.29 1.86 -12.75
C ARG B 51 -13.67 1.61 -14.21
N ALA B 52 -14.95 1.78 -14.56
CA ALA B 52 -15.40 1.53 -15.93
C ALA B 52 -14.73 2.47 -16.92
N ALA B 53 -14.53 3.73 -16.54
CA ALA B 53 -13.82 4.66 -17.42
C ALA B 53 -12.39 4.21 -17.64
N LEU B 54 -11.71 3.75 -16.59
CA LEU B 54 -10.32 3.31 -16.74
C LEU B 54 -10.23 2.08 -17.63
N VAL B 55 -11.18 1.14 -17.48
CA VAL B 55 -11.18 -0.06 -18.30
C VAL B 55 -11.36 0.31 -19.77
N GLU B 56 -12.35 1.16 -20.06
CA GLU B 56 -12.59 1.56 -21.45
C GLU B 56 -11.39 2.28 -22.04
N LYS B 57 -10.78 3.20 -21.27
CA LYS B 57 -9.61 3.93 -21.73
C LYS B 57 -8.44 2.97 -22.00
N ALA B 58 -8.25 1.99 -21.13
CA ALA B 58 -7.19 1.01 -21.34
C ALA B 58 -7.49 0.10 -22.54
N VAL B 59 -8.75 -0.29 -22.72
CA VAL B 59 -9.08 -1.21 -23.82
C VAL B 59 -8.90 -0.50 -25.16
N ARG B 60 -9.30 0.77 -25.24
CA ARG B 60 -9.04 1.54 -26.45
C ARG B 60 -7.55 1.69 -26.71
N GLY B 61 -6.78 1.95 -25.65
CA GLY B 61 -5.35 2.12 -25.83
C GLY B 61 -4.69 0.84 -26.33
N LEU B 62 -5.10 -0.31 -25.78
CA LEU B 62 -4.53 -1.58 -26.20
C LEU B 62 -4.97 -1.95 -27.61
N ARG B 63 -6.22 -1.67 -27.97
CA ARG B 63 -6.67 -1.88 -29.34
C ARG B 63 -5.87 -1.03 -30.32
N ARG B 64 -5.53 0.21 -29.92
CA ARG B 64 -4.69 1.04 -30.77
C ARG B 64 -3.31 0.43 -30.98
N ALA B 65 -2.70 -0.08 -29.92
CA ALA B 65 -1.40 -0.75 -30.04
C ALA B 65 -1.50 -2.04 -30.86
N ARG B 66 -2.58 -2.82 -30.64
CA ARG B 66 -2.77 -4.05 -31.40
C ARG B 66 -2.87 -3.76 -32.90
N ALA B 67 -3.61 -2.71 -33.27
CA ALA B 67 -3.74 -2.36 -34.68
C ALA B 67 -2.39 -1.99 -35.28
N ALA B 68 -1.50 -1.41 -34.47
CA ALA B 68 -0.14 -1.13 -34.90
C ALA B 68 0.78 -2.35 -34.85
N GLY B 69 0.29 -3.53 -34.48
CA GLY B 69 1.10 -4.73 -34.50
C GLY B 69 1.45 -5.32 -33.14
N VAL B 70 1.21 -4.60 -32.04
CA VAL B 70 1.53 -5.17 -30.74
C VAL B 70 0.62 -6.35 -30.46
N ARG B 71 1.19 -7.44 -29.96
CA ARG B 71 0.42 -8.59 -29.55
C ARG B 71 0.52 -8.90 -28.05
N THR B 72 1.62 -8.53 -27.41
CA THR B 72 1.83 -8.79 -25.99
C THR B 72 2.42 -7.56 -25.32
N ILE B 73 2.01 -7.28 -24.08
CA ILE B 73 2.74 -6.31 -23.26
C ILE B 73 3.08 -6.98 -21.95
N VAL B 74 4.17 -6.50 -21.33
CA VAL B 74 4.60 -6.94 -20.01
C VAL B 74 4.28 -5.81 -19.05
N ASP B 75 3.31 -6.04 -18.18
CA ASP B 75 2.92 -5.03 -17.18
C ASP B 75 3.83 -5.24 -15.97
N VAL B 76 4.76 -4.31 -15.77
CA VAL B 76 5.78 -4.46 -14.74
C VAL B 76 5.35 -3.71 -13.48
N SER B 77 4.03 -3.55 -13.30
CA SER B 77 3.46 -3.00 -12.09
C SER B 77 3.53 -4.06 -10.98
N THR B 78 4.21 -3.75 -9.89
CA THR B 78 4.26 -4.63 -8.74
C THR B 78 3.07 -4.40 -7.80
N PHE B 79 3.01 -5.22 -6.76
CA PHE B 79 2.10 -5.00 -5.63
C PHE B 79 2.07 -3.53 -5.22
N ASP B 80 3.23 -2.96 -4.89
CA ASP B 80 3.25 -1.60 -4.35
C ASP B 80 3.08 -0.53 -5.42
N ALA B 81 3.08 -0.90 -6.71
CA ALA B 81 2.63 0.00 -7.76
C ALA B 81 1.13 -0.14 -8.00
N GLY B 82 0.41 -0.84 -7.11
CA GLY B 82 -1.03 -0.93 -7.27
C GLY B 82 -1.50 -1.82 -8.39
N ARG B 83 -0.64 -2.71 -8.88
CA ARG B 83 -1.06 -3.79 -9.77
C ARG B 83 -2.37 -4.43 -9.30
N ASP B 84 -3.32 -4.51 -10.23
CA ASP B 84 -4.62 -5.16 -10.03
C ASP B 84 -4.76 -6.17 -11.16
N VAL B 85 -4.47 -7.45 -10.90
CA VAL B 85 -4.43 -8.39 -12.02
C VAL B 85 -5.81 -8.63 -12.58
N SER B 86 -6.86 -8.46 -11.76
CA SER B 86 -8.21 -8.62 -12.29
C SER B 86 -8.50 -7.55 -13.33
N LEU B 87 -7.92 -6.35 -13.17
CA LEU B 87 -8.05 -5.31 -14.17
C LEU B 87 -7.28 -5.68 -15.45
N LEU B 88 -6.04 -6.14 -15.29
CA LEU B 88 -5.25 -6.57 -16.43
C LEU B 88 -5.96 -7.68 -17.20
N ALA B 89 -6.55 -8.64 -16.47
CA ALA B 89 -7.27 -9.73 -17.11
C ALA B 89 -8.45 -9.21 -17.93
N GLU B 90 -9.23 -8.31 -17.34
CA GLU B 90 -10.40 -7.79 -18.07
C GLU B 90 -9.97 -7.04 -19.33
N VAL B 91 -9.00 -6.15 -19.23
CA VAL B 91 -8.63 -5.37 -20.41
C VAL B 91 -7.92 -6.25 -21.43
N SER B 92 -7.16 -7.25 -20.99
CA SER B 92 -6.53 -8.17 -21.93
C SER B 92 -7.56 -8.95 -22.71
N ARG B 93 -8.61 -9.43 -22.04
CA ARG B 93 -9.66 -10.15 -22.76
C ARG B 93 -10.33 -9.24 -23.78
N ALA B 94 -10.73 -8.03 -23.35
CA ALA B 94 -11.50 -7.16 -24.23
C ALA B 94 -10.69 -6.68 -25.43
N ALA B 95 -9.40 -6.45 -25.25
CA ALA B 95 -8.55 -5.93 -26.31
C ALA B 95 -7.84 -7.02 -27.10
N ASP B 96 -7.89 -8.27 -26.64
CA ASP B 96 -7.13 -9.38 -27.23
C ASP B 96 -5.65 -9.03 -27.39
N VAL B 97 -5.08 -8.49 -26.32
CA VAL B 97 -3.64 -8.30 -26.22
C VAL B 97 -3.18 -9.07 -25.00
N HIS B 98 -2.16 -9.91 -25.18
CA HIS B 98 -1.62 -10.66 -24.05
C HIS B 98 -0.96 -9.70 -23.07
N ILE B 99 -1.10 -10.00 -21.78
CA ILE B 99 -0.44 -9.22 -20.73
C ILE B 99 0.27 -10.18 -19.78
N VAL B 100 1.57 -10.00 -19.63
CA VAL B 100 2.35 -10.72 -18.62
C VAL B 100 2.35 -9.88 -17.35
N ALA B 101 1.97 -10.48 -16.23
CA ALA B 101 1.98 -9.80 -14.94
C ALA B 101 3.31 -9.99 -14.23
N ALA B 102 3.60 -9.08 -13.29
CA ALA B 102 4.86 -9.05 -12.57
C ALA B 102 4.64 -9.26 -11.07
N THR B 103 5.65 -9.83 -10.42
CA THR B 103 5.82 -9.71 -8.98
C THR B 103 7.05 -8.83 -8.72
N GLY B 104 7.55 -8.87 -7.49
CA GLY B 104 8.64 -8.01 -7.06
C GLY B 104 8.14 -6.84 -6.21
N LEU B 105 9.01 -5.84 -6.07
CA LEU B 105 8.66 -4.63 -5.34
C LEU B 105 9.28 -3.42 -6.01
N TRP B 106 8.51 -2.35 -6.09
CA TRP B 106 8.90 -1.13 -6.80
C TRP B 106 9.36 -0.09 -5.76
N GLU B 107 9.10 1.20 -5.98
CA GLU B 107 9.67 2.28 -5.17
C GLU B 107 8.90 2.58 -3.89
N ASP B 108 7.79 1.91 -3.64
CA ASP B 108 6.92 2.38 -2.57
C ASP B 108 6.40 1.24 -1.68
N PRO B 109 7.27 0.36 -1.18
CA PRO B 109 6.79 -0.74 -0.34
C PRO B 109 6.20 -0.21 0.96
N PRO B 110 5.08 -0.79 1.40
CA PRO B 110 4.52 -0.41 2.71
C PRO B 110 5.31 -1.05 3.86
N LEU B 111 4.91 -0.68 5.09
CA LEU B 111 5.55 -1.24 6.27
C LEU B 111 5.55 -2.76 6.26
N SER B 112 4.47 -3.37 5.79
CA SER B 112 4.38 -4.82 5.90
C SER B 112 5.35 -5.53 4.94
N MET B 113 5.85 -4.84 3.91
CA MET B 113 6.93 -5.33 3.06
C MET B 113 8.30 -4.90 3.56
N ARG B 114 8.43 -3.61 3.93
CA ARG B 114 9.73 -3.03 4.28
C ARG B 114 10.37 -3.74 5.46
N LEU B 115 9.56 -4.35 6.32
CA LEU B 115 10.05 -5.04 7.51
C LEU B 115 10.41 -6.49 7.25
N ARG B 116 10.26 -6.98 6.03
CA ARG B 116 10.42 -8.42 5.80
C ARG B 116 11.88 -8.79 5.54
N SER B 117 12.20 -10.05 5.82
CA SER B 117 13.52 -10.61 5.58
C SER B 117 13.69 -10.95 4.10
N VAL B 118 14.93 -11.21 3.68
CA VAL B 118 15.15 -11.66 2.31
C VAL B 118 14.49 -13.02 2.11
N GLU B 119 14.49 -13.87 3.14
CA GLU B 119 13.79 -15.15 3.06
C GLU B 119 12.28 -14.95 2.90
N GLU B 120 11.72 -14.00 3.62
CA GLU B 120 10.28 -13.72 3.51
C GLU B 120 9.94 -13.15 2.14
N LEU B 121 10.72 -12.19 1.67
CA LEU B 121 10.45 -11.63 0.35
C LEU B 121 10.53 -12.72 -0.72
N THR B 122 11.50 -13.63 -0.59
CA THR B 122 11.59 -14.75 -1.53
C THR B 122 10.30 -15.55 -1.55
N GLN B 123 9.75 -15.87 -0.38
CA GLN B 123 8.49 -16.62 -0.34
C GLN B 123 7.36 -15.84 -0.99
N PHE B 124 7.32 -14.52 -0.79
CA PHE B 124 6.27 -13.72 -1.41
C PHE B 124 6.38 -13.75 -2.93
N PHE B 125 7.58 -13.56 -3.46
CA PHE B 125 7.75 -13.57 -4.91
C PHE B 125 7.44 -14.96 -5.49
N LEU B 126 7.90 -16.02 -4.80
CA LEU B 126 7.58 -17.38 -5.25
C LEU B 126 6.08 -17.63 -5.23
N ARG B 127 5.40 -17.09 -4.22
CA ARG B 127 3.96 -17.23 -4.12
C ARG B 127 3.28 -16.70 -5.37
N GLU B 128 3.62 -15.48 -5.78
CA GLU B 128 2.92 -14.86 -6.89
C GLU B 128 3.28 -15.50 -8.23
N ILE B 129 4.43 -16.17 -8.32
CA ILE B 129 4.85 -16.87 -9.52
C ILE B 129 4.28 -18.29 -9.56
N GLN B 130 4.42 -19.03 -8.47
CA GLN B 130 4.12 -20.46 -8.45
C GLN B 130 2.69 -20.77 -8.09
N TYR B 131 2.08 -19.95 -7.24
CA TYR B 131 0.71 -20.19 -6.78
C TYR B 131 -0.30 -19.29 -7.49
N GLY B 132 -0.05 -17.98 -7.48
CA GLY B 132 -0.92 -17.03 -8.13
C GLY B 132 -0.97 -15.74 -7.33
N ILE B 133 -1.49 -14.69 -7.96
CA ILE B 133 -1.57 -13.38 -7.36
C ILE B 133 -2.93 -13.21 -6.68
N GLU B 134 -2.91 -12.88 -5.39
CA GLU B 134 -4.13 -12.72 -4.59
C GLU B 134 -4.89 -14.05 -4.70
N ASP B 135 -6.19 -14.05 -4.97
CA ASP B 135 -6.95 -15.28 -5.14
C ASP B 135 -7.39 -15.51 -6.58
N THR B 136 -6.65 -14.96 -7.55
CA THR B 136 -7.06 -14.99 -8.94
C THR B 136 -6.52 -16.17 -9.75
N GLY B 137 -5.51 -16.88 -9.23
CA GLY B 137 -4.87 -17.92 -10.00
C GLY B 137 -3.92 -17.43 -11.08
N ILE B 138 -3.80 -16.12 -11.29
CA ILE B 138 -2.94 -15.57 -12.32
C ILE B 138 -1.50 -15.56 -11.82
N ARG B 139 -0.61 -16.21 -12.57
CA ARG B 139 0.77 -16.38 -12.14
C ARG B 139 1.67 -15.32 -12.78
N ALA B 140 2.52 -14.69 -11.98
CA ALA B 140 3.46 -13.70 -12.52
C ALA B 140 4.44 -14.34 -13.48
N GLY B 141 4.79 -13.60 -14.53
CA GLY B 141 5.77 -14.07 -15.50
C GLY B 141 7.07 -13.32 -15.51
N ILE B 142 7.29 -12.40 -14.57
CA ILE B 142 8.52 -11.62 -14.50
C ILE B 142 8.60 -11.04 -13.10
N ILE B 143 9.82 -10.73 -12.67
CA ILE B 143 10.04 -10.11 -11.36
C ILE B 143 10.63 -8.72 -11.58
N LYS B 144 9.99 -7.71 -10.99
CA LYS B 144 10.37 -6.30 -11.08
C LYS B 144 11.01 -5.83 -9.78
N VAL B 145 12.16 -5.16 -9.88
CA VAL B 145 12.86 -4.59 -8.71
C VAL B 145 13.26 -3.15 -9.04
N ALA B 146 13.66 -2.40 -8.00
CA ALA B 146 13.97 -1.00 -8.22
C ALA B 146 15.09 -0.49 -7.33
N THR B 147 15.92 0.39 -7.89
CA THR B 147 16.81 1.27 -7.14
C THR B 147 16.64 2.68 -7.67
N GLN B 148 17.04 3.68 -6.87
CA GLN B 148 17.04 5.08 -7.32
C GLN B 148 18.35 5.71 -6.82
N GLY B 149 19.45 5.30 -7.44
CA GLY B 149 20.76 5.56 -6.87
C GLY B 149 21.27 4.33 -6.14
N LYS B 150 22.21 4.56 -5.24
CA LYS B 150 22.76 3.45 -4.47
C LYS B 150 21.67 2.78 -3.66
N ALA B 151 21.70 1.46 -3.61
CA ALA B 151 20.61 0.69 -3.03
C ALA B 151 20.53 0.93 -1.53
N THR B 152 19.31 1.11 -1.04
CA THR B 152 19.08 1.05 0.40
C THR B 152 19.31 -0.38 0.87
N PRO B 153 19.55 -0.59 2.17
CA PRO B 153 19.61 -1.96 2.69
C PRO B 153 18.42 -2.81 2.28
N PHE B 154 17.20 -2.26 2.35
CA PHE B 154 16.04 -3.04 1.96
C PHE B 154 16.07 -3.37 0.47
N GLN B 155 16.47 -2.42 -0.37
CA GLN B 155 16.53 -2.69 -1.81
C GLN B 155 17.49 -3.83 -2.11
N GLU B 156 18.62 -3.93 -1.37
CA GLU B 156 19.51 -5.08 -1.49
C GLU B 156 18.75 -6.39 -1.28
N LEU B 157 17.99 -6.48 -0.18
CA LEU B 157 17.22 -7.69 0.10
C LEU B 157 16.30 -8.01 -1.06
N VAL B 158 15.62 -6.99 -1.59
CA VAL B 158 14.72 -7.21 -2.72
C VAL B 158 15.49 -7.77 -3.91
N LEU B 159 16.67 -7.21 -4.20
CA LEU B 159 17.46 -7.69 -5.33
C LEU B 159 17.87 -9.14 -5.14
N ARG B 160 18.20 -9.52 -3.91
CA ARG B 160 18.64 -10.88 -3.65
C ARG B 160 17.46 -11.85 -3.69
N ALA B 161 16.35 -11.48 -3.06
CA ALA B 161 15.14 -12.30 -3.13
C ALA B 161 14.69 -12.48 -4.57
N ALA B 162 14.80 -11.43 -5.40
CA ALA B 162 14.41 -11.55 -6.80
C ALA B 162 15.28 -12.57 -7.52
N ALA B 163 16.60 -12.50 -7.31
CA ALA B 163 17.49 -13.45 -7.96
C ALA B 163 17.21 -14.87 -7.48
N ARG B 164 16.99 -15.03 -6.18
CA ARG B 164 16.67 -16.36 -5.67
C ARG B 164 15.34 -16.85 -6.22
N ALA B 165 14.31 -15.99 -6.27
CA ALA B 165 13.06 -16.41 -6.89
C ALA B 165 13.24 -16.76 -8.36
N SER B 166 14.05 -15.96 -9.07
CA SER B 166 14.27 -16.21 -10.49
C SER B 166 14.99 -17.54 -10.70
N LEU B 167 16.03 -17.81 -9.92
CA LEU B 167 16.74 -19.07 -10.07
C LEU B 167 15.82 -20.26 -9.80
N ALA B 168 14.92 -20.13 -8.83
CA ALA B 168 14.04 -21.25 -8.47
C ALA B 168 12.92 -21.46 -9.48
N THR B 169 12.50 -20.42 -10.20
CA THR B 169 11.35 -20.53 -11.09
C THR B 169 11.70 -20.45 -12.56
N GLY B 170 12.83 -19.86 -12.92
CA GLY B 170 13.19 -19.63 -14.31
C GLY B 170 12.68 -18.34 -14.91
N VAL B 171 11.84 -17.58 -14.19
CA VAL B 171 11.26 -16.36 -14.77
C VAL B 171 12.30 -15.25 -14.69
N PRO B 172 12.28 -14.31 -15.63
CA PRO B 172 13.34 -13.30 -15.69
C PRO B 172 13.13 -12.16 -14.70
N VAL B 173 14.14 -11.30 -14.62
CA VAL B 173 14.16 -10.14 -13.74
C VAL B 173 14.29 -8.88 -14.57
N THR B 174 13.46 -7.88 -14.29
CA THR B 174 13.57 -6.57 -14.91
C THR B 174 13.64 -5.50 -13.84
N THR B 175 14.38 -4.41 -14.11
CA THR B 175 14.71 -3.46 -13.05
C THR B 175 14.40 -2.03 -13.44
N HIS B 176 14.21 -1.23 -12.40
CA HIS B 176 14.08 0.22 -12.47
C HIS B 176 15.40 0.80 -12.00
N THR B 177 15.93 1.77 -12.76
CA THR B 177 17.21 2.37 -12.43
C THR B 177 17.09 3.88 -12.44
N PHE B 178 18.00 4.51 -11.69
CA PHE B 178 18.45 5.88 -11.94
C PHE B 178 19.61 5.74 -12.92
N ALA B 179 19.29 5.74 -14.22
CA ALA B 179 20.31 5.45 -15.23
C ALA B 179 21.49 6.40 -15.12
N SER B 180 21.22 7.68 -14.87
CA SER B 180 22.28 8.68 -14.74
C SER B 180 23.26 8.33 -13.61
N GLN B 181 22.82 7.61 -12.59
CA GLN B 181 23.71 7.19 -11.52
C GLN B 181 24.30 5.80 -11.75
N ARG B 182 24.08 5.23 -12.94
CA ARG B 182 24.66 3.95 -13.33
C ARG B 182 24.23 2.82 -12.38
N ASP B 183 22.99 2.90 -11.87
CA ASP B 183 22.47 1.88 -10.95
C ASP B 183 22.70 0.47 -11.46
N GLY B 184 22.67 0.27 -12.78
CA GLY B 184 22.81 -1.07 -13.33
C GLY B 184 24.07 -1.79 -12.90
N GLU B 185 25.14 -1.04 -12.64
CA GLU B 185 26.39 -1.66 -12.21
C GLU B 185 26.23 -2.33 -10.84
N GLN B 186 25.65 -1.62 -9.86
CA GLN B 186 25.45 -2.24 -8.56
C GLN B 186 24.41 -3.35 -8.60
N GLN B 187 23.31 -3.15 -9.34
CA GLN B 187 22.32 -4.22 -9.49
C GLN B 187 22.97 -5.48 -10.03
N ALA B 188 23.74 -5.34 -11.11
CA ALA B 188 24.47 -6.46 -11.69
C ALA B 188 25.39 -7.13 -10.66
N ALA B 189 26.12 -6.33 -9.88
CA ALA B 189 27.03 -6.89 -8.89
C ALA B 189 26.30 -7.75 -7.88
N ILE B 190 25.12 -7.30 -7.42
CA ILE B 190 24.36 -8.07 -6.45
C ILE B 190 23.75 -9.31 -7.09
N PHE B 191 23.17 -9.17 -8.29
CA PHE B 191 22.63 -10.34 -9.00
C PHE B 191 23.70 -11.40 -9.22
N GLU B 192 24.89 -10.98 -9.66
CA GLU B 192 25.94 -11.96 -9.93
C GLU B 192 26.44 -12.60 -8.65
N SER B 193 26.47 -11.86 -7.54
CA SER B 193 26.77 -12.47 -6.25
C SER B 193 25.76 -13.55 -5.87
N GLU B 194 24.57 -13.54 -6.44
CA GLU B 194 23.58 -14.57 -6.20
C GLU B 194 23.60 -15.65 -7.27
N GLY B 195 24.53 -15.57 -8.22
CA GLY B 195 24.63 -16.55 -9.28
C GLY B 195 23.58 -16.40 -10.37
N LEU B 196 22.96 -15.24 -10.50
CA LEU B 196 21.98 -15.04 -11.56
C LEU B 196 22.69 -14.77 -12.87
N SER B 197 22.17 -15.37 -13.95
CA SER B 197 22.77 -15.14 -15.28
C SER B 197 22.37 -13.77 -15.81
N PRO B 198 23.31 -12.98 -16.34
CA PRO B 198 22.94 -11.66 -16.86
C PRO B 198 21.89 -11.72 -17.97
N SER B 199 21.87 -12.79 -18.77
CA SER B 199 20.91 -12.90 -19.87
C SER B 199 19.48 -13.05 -19.39
N ARG B 200 19.26 -13.21 -18.08
CA ARG B 200 17.93 -13.24 -17.50
C ARG B 200 17.56 -11.95 -16.78
N VAL B 201 18.33 -10.88 -17.01
CA VAL B 201 18.15 -9.60 -16.32
C VAL B 201 18.09 -8.48 -17.35
N CYS B 202 17.01 -7.68 -17.29
CA CYS B 202 16.93 -6.45 -18.06
C CYS B 202 17.18 -5.26 -17.14
N ILE B 203 18.18 -4.44 -17.49
CA ILE B 203 18.48 -3.20 -16.79
C ILE B 203 17.64 -2.10 -17.42
N GLY B 204 16.57 -1.70 -16.75
CA GLY B 204 15.55 -0.85 -17.34
C GLY B 204 15.79 0.64 -17.12
N HIS B 205 14.95 1.43 -17.82
CA HIS B 205 15.09 2.89 -17.90
C HIS B 205 16.48 3.32 -18.37
N SER B 206 17.15 2.45 -19.16
CA SER B 206 18.50 2.77 -19.61
C SER B 206 18.52 3.83 -20.70
N ASP B 207 17.38 4.18 -21.28
CA ASP B 207 17.34 5.28 -22.22
C ASP B 207 17.27 6.63 -21.51
N ASP B 208 17.20 6.64 -20.18
CA ASP B 208 17.23 7.89 -19.43
C ASP B 208 18.63 8.52 -19.42
N THR B 209 19.64 7.81 -19.89
CA THR B 209 21.02 8.29 -19.90
C THR B 209 21.57 8.30 -21.32
N ASP B 210 22.54 9.18 -21.55
CA ASP B 210 23.27 9.21 -22.82
C ASP B 210 24.64 8.54 -22.74
N ASP B 211 25.00 7.97 -21.60
CA ASP B 211 26.33 7.38 -21.38
C ASP B 211 26.37 6.01 -22.06
N LEU B 212 26.95 5.96 -23.26
CA LEU B 212 27.00 4.72 -24.01
C LEU B 212 28.05 3.76 -23.50
N SER B 213 29.16 4.28 -22.94
CA SER B 213 30.15 3.39 -22.34
C SER B 213 29.55 2.59 -21.18
N TYR B 214 28.68 3.21 -20.39
CA TYR B 214 27.97 2.49 -19.31
C TYR B 214 27.06 1.42 -19.88
N LEU B 215 26.28 1.76 -20.92
CA LEU B 215 25.34 0.79 -21.49
C LEU B 215 26.06 -0.35 -22.20
N THR B 216 27.03 -0.03 -23.06
CA THR B 216 27.70 -1.08 -23.82
C THR B 216 28.50 -2.00 -22.90
N ALA B 217 28.99 -1.48 -21.77
CA ALA B 217 29.70 -2.33 -20.83
C ALA B 217 28.78 -3.38 -20.23
N LEU B 218 27.55 -2.99 -19.88
CA LEU B 218 26.59 -3.97 -19.35
C LEU B 218 26.19 -4.96 -20.42
N ALA B 219 25.88 -4.46 -21.62
CA ALA B 219 25.51 -5.34 -22.72
C ALA B 219 26.61 -6.34 -23.03
N ALA B 220 27.88 -5.90 -22.96
CA ALA B 220 29.00 -6.80 -23.24
C ALA B 220 29.08 -7.92 -22.21
N ARG B 221 28.55 -7.71 -21.01
CA ARG B 221 28.48 -8.71 -19.97
C ARG B 221 27.28 -9.64 -20.08
N GLY B 222 26.42 -9.45 -21.09
CA GLY B 222 25.26 -10.30 -21.27
C GLY B 222 23.95 -9.73 -20.74
N TYR B 223 23.98 -8.55 -20.13
CA TYR B 223 22.73 -7.96 -19.63
C TYR B 223 21.86 -7.48 -20.78
N LEU B 224 20.56 -7.59 -20.58
CA LEU B 224 19.61 -6.95 -21.48
C LEU B 224 19.47 -5.48 -21.11
N ILE B 225 19.38 -4.62 -22.13
CA ILE B 225 19.34 -3.17 -21.94
C ILE B 225 17.94 -2.68 -22.27
N GLY B 226 17.21 -2.22 -21.26
CA GLY B 226 15.85 -1.78 -21.46
C GLY B 226 15.73 -0.33 -21.86
N LEU B 227 15.55 -0.09 -23.15
CA LEU B 227 15.32 1.27 -23.66
C LEU B 227 13.81 1.45 -23.72
N ASP B 228 13.22 1.74 -22.56
CA ASP B 228 11.80 1.48 -22.35
C ASP B 228 10.93 2.71 -22.16
N GLY B 229 11.48 3.91 -22.29
CA GLY B 229 10.68 5.12 -22.14
C GLY B 229 10.82 6.08 -23.31
N ILE B 230 10.88 5.55 -24.53
CA ILE B 230 11.19 6.35 -25.72
C ILE B 230 10.30 7.58 -25.85
N PRO B 231 8.98 7.51 -25.63
CA PRO B 231 8.17 8.71 -25.78
C PRO B 231 8.15 9.63 -24.55
N HIS B 232 8.91 9.34 -23.49
CA HIS B 232 8.91 10.21 -22.32
C HIS B 232 9.70 11.48 -22.65
N SER B 233 9.00 12.60 -22.78
CA SER B 233 9.68 13.85 -23.05
C SER B 233 8.73 15.00 -22.76
N ALA B 234 9.26 16.02 -22.08
CA ALA B 234 8.54 17.23 -21.75
C ALA B 234 8.88 18.39 -22.67
N ILE B 235 9.54 18.12 -23.80
CA ILE B 235 9.79 19.19 -24.76
C ILE B 235 8.45 19.81 -25.12
N GLY B 236 8.39 21.14 -25.10
CA GLY B 236 7.15 21.85 -25.30
C GLY B 236 6.36 22.10 -24.05
N LEU B 237 6.72 21.47 -22.93
CA LEU B 237 6.03 21.66 -21.65
C LEU B 237 6.99 22.24 -20.61
N GLU B 238 7.93 23.06 -21.07
CA GLU B 238 8.97 23.60 -20.21
C GLU B 238 8.42 24.41 -19.05
N ASP B 239 7.20 24.94 -19.20
CA ASP B 239 6.52 25.70 -18.16
C ASP B 239 5.91 24.80 -17.07
N ASN B 240 5.95 23.49 -17.23
CA ASN B 240 5.27 22.55 -16.33
C ASN B 240 6.36 21.81 -15.57
N ALA B 241 6.63 22.26 -14.34
CA ALA B 241 7.73 21.72 -13.56
C ALA B 241 7.53 20.24 -13.25
N SER B 242 6.30 19.83 -12.92
CA SER B 242 6.09 18.44 -12.57
C SER B 242 6.26 17.54 -13.78
N ALA B 243 5.68 17.92 -14.92
CA ALA B 243 5.83 17.11 -16.12
C ALA B 243 7.27 17.08 -16.58
N SER B 244 7.99 18.20 -16.42
CA SER B 244 9.39 18.24 -16.82
C SER B 244 10.26 17.36 -15.94
N ALA B 245 10.01 17.37 -14.63
CA ALA B 245 10.80 16.54 -13.74
C ALA B 245 10.56 15.05 -14.01
N LEU B 246 9.32 14.68 -14.30
CA LEU B 246 9.00 13.27 -14.54
C LEU B 246 9.54 12.80 -15.88
N LEU B 247 9.33 13.58 -16.93
CA LEU B 247 9.54 13.11 -18.29
C LEU B 247 10.89 13.51 -18.88
N GLY B 248 11.57 14.48 -18.29
CA GLY B 248 12.87 14.88 -18.78
C GLY B 248 12.78 15.79 -19.98
N ASN B 249 13.91 16.41 -20.32
CA ASN B 249 13.96 17.39 -21.40
C ASN B 249 14.64 16.85 -22.64
N ARG B 250 14.94 15.55 -22.67
CA ARG B 250 15.53 14.90 -23.84
C ARG B 250 14.43 14.41 -24.79
N SER B 251 14.65 14.60 -26.09
CA SER B 251 13.66 14.29 -27.12
C SER B 251 13.47 12.78 -27.26
N TRP B 252 12.29 12.38 -27.76
CA TRP B 252 12.10 10.97 -28.08
C TRP B 252 13.12 10.53 -29.14
N GLN B 253 13.45 11.43 -30.09
CA GLN B 253 14.46 11.10 -31.10
C GLN B 253 15.80 10.78 -30.45
N THR B 254 16.18 11.55 -29.42
CA THR B 254 17.43 11.28 -28.70
C THR B 254 17.41 9.91 -28.03
N ARG B 255 16.31 9.59 -27.34
CA ARG B 255 16.18 8.26 -26.75
C ARG B 255 16.20 7.17 -27.81
N ALA B 256 15.52 7.41 -28.94
CA ALA B 256 15.45 6.40 -30.00
C ALA B 256 16.81 6.13 -30.63
N LEU B 257 17.67 7.15 -30.72
CA LEU B 257 18.97 6.97 -31.35
C LEU B 257 19.90 6.08 -30.53
N LEU B 258 19.62 5.92 -29.23
CA LEU B 258 20.37 4.95 -28.45
C LEU B 258 20.14 3.53 -28.97
N ILE B 259 18.92 3.25 -29.44
CA ILE B 259 18.65 1.95 -30.05
C ILE B 259 19.59 1.71 -31.22
N LYS B 260 19.64 2.67 -32.15
CA LYS B 260 20.50 2.56 -33.31
C LYS B 260 21.97 2.54 -32.89
N ALA B 261 22.33 3.31 -31.86
CA ALA B 261 23.71 3.31 -31.39
C ALA B 261 24.11 1.94 -30.84
N LEU B 262 23.23 1.32 -30.05
CA LEU B 262 23.54 -0.03 -29.58
C LEU B 262 23.62 -1.02 -30.75
N ILE B 263 22.71 -0.89 -31.72
CA ILE B 263 22.73 -1.77 -32.88
C ILE B 263 24.06 -1.63 -33.63
N ASP B 264 24.48 -0.39 -33.89
CA ASP B 264 25.69 -0.14 -34.66
C ASP B 264 26.94 -0.66 -33.97
N GLN B 265 26.92 -0.76 -32.64
CA GLN B 265 28.06 -1.26 -31.90
C GLN B 265 27.98 -2.77 -31.65
N GLY B 266 27.00 -3.45 -32.24
CA GLY B 266 26.96 -4.90 -32.23
C GLY B 266 26.14 -5.55 -31.13
N TYR B 267 25.33 -4.77 -30.39
CA TYR B 267 24.58 -5.27 -29.25
C TYR B 267 23.09 -5.41 -29.52
N MET B 268 22.72 -5.62 -30.79
CA MET B 268 21.32 -5.82 -31.16
C MET B 268 20.66 -6.86 -30.26
N LYS B 269 21.39 -7.93 -29.93
CA LYS B 269 20.78 -9.06 -29.22
C LYS B 269 20.49 -8.74 -27.76
N GLN B 270 21.04 -7.64 -27.22
CA GLN B 270 20.88 -7.24 -25.83
C GLN B 270 19.81 -6.17 -25.65
N ILE B 271 19.15 -5.73 -26.71
CA ILE B 271 18.21 -4.60 -26.66
C ILE B 271 16.80 -5.10 -26.39
N LEU B 272 16.10 -4.41 -25.49
CA LEU B 272 14.64 -4.45 -25.40
C LEU B 272 14.09 -3.03 -25.46
N VAL B 273 12.93 -2.86 -26.09
CA VAL B 273 12.35 -1.54 -26.34
C VAL B 273 10.91 -1.52 -25.84
N SER B 274 10.51 -0.40 -25.23
CA SER B 274 9.13 -0.26 -24.77
C SER B 274 8.82 1.22 -24.60
N ASN B 275 7.57 1.52 -24.23
CA ASN B 275 7.10 2.89 -24.01
C ASN B 275 7.13 3.33 -22.56
N ASP B 276 7.02 2.40 -21.61
CA ASP B 276 6.76 2.73 -20.21
C ASP B 276 5.55 3.66 -20.12
N TRP B 277 4.48 3.27 -20.81
CA TRP B 277 3.24 4.04 -20.79
C TRP B 277 2.30 3.50 -19.72
N LEU B 278 1.14 4.15 -19.59
CA LEU B 278 0.06 3.70 -18.72
C LEU B 278 -1.22 4.42 -19.11
N PHE B 279 -2.34 3.92 -18.60
CA PHE B 279 -3.66 4.47 -18.88
C PHE B 279 -4.31 5.13 -17.68
N GLY B 280 -3.81 4.85 -16.47
CA GLY B 280 -4.10 5.65 -15.31
C GLY B 280 -2.86 5.77 -14.46
N PHE B 281 -2.82 6.81 -13.62
CA PHE B 281 -1.57 7.22 -13.01
C PHE B 281 -1.92 8.05 -11.76
N SER B 282 -1.84 7.42 -10.59
CA SER B 282 -2.23 8.06 -9.34
C SER B 282 -1.08 8.28 -8.38
N SER B 283 0.10 7.71 -8.63
CA SER B 283 1.22 7.84 -7.72
C SER B 283 2.07 9.07 -8.01
N TYR B 284 1.54 10.06 -8.74
CA TYR B 284 2.24 11.32 -8.99
C TYR B 284 1.24 12.48 -8.86
N VAL B 285 1.50 13.60 -9.55
CA VAL B 285 0.58 14.74 -9.44
C VAL B 285 -0.74 14.43 -10.12
N THR B 286 -1.78 15.14 -9.70
CA THR B 286 -3.14 14.76 -10.09
C THR B 286 -3.34 14.83 -11.61
N ASN B 287 -2.85 15.86 -12.26
CA ASN B 287 -3.19 15.98 -13.67
C ASN B 287 -2.28 15.19 -14.62
N ILE B 288 -1.39 14.33 -14.11
CA ILE B 288 -0.25 13.88 -14.92
C ILE B 288 -0.68 13.00 -16.09
N MET B 289 -1.74 12.19 -15.92
CA MET B 289 -2.15 11.36 -17.05
C MET B 289 -2.64 12.20 -18.22
N ASP B 290 -3.44 13.23 -17.94
CA ASP B 290 -3.92 14.12 -19.00
C ASP B 290 -2.75 14.79 -19.71
N VAL B 291 -1.71 15.17 -18.96
CA VAL B 291 -0.55 15.81 -19.57
C VAL B 291 0.19 14.84 -20.48
N MET B 292 0.42 13.62 -20.00
CA MET B 292 1.12 12.63 -20.81
C MET B 292 0.32 12.27 -22.06
N ASP B 293 -1.00 12.16 -21.93
CA ASP B 293 -1.83 11.86 -23.10
C ASP B 293 -1.78 12.99 -24.12
N SER B 294 -1.56 14.23 -23.69
CA SER B 294 -1.47 15.32 -24.67
C SER B 294 -0.13 15.26 -25.40
N VAL B 295 0.90 14.74 -24.73
CA VAL B 295 2.21 14.59 -25.33
C VAL B 295 2.21 13.46 -26.37
N ASN B 296 1.61 12.32 -26.03
CA ASN B 296 1.71 11.11 -26.84
C ASN B 296 0.34 10.45 -26.94
N PRO B 297 -0.53 10.98 -27.82
CA PRO B 297 -1.84 10.33 -28.02
C PRO B 297 -1.74 8.88 -28.46
N ASP B 298 -0.64 8.49 -29.11
CA ASP B 298 -0.53 7.11 -29.58
C ASP B 298 -0.32 6.11 -28.44
N GLY B 299 0.00 6.57 -27.23
CA GLY B 299 0.09 5.65 -26.10
C GLY B 299 1.14 4.60 -26.34
N MET B 300 0.75 3.34 -26.10
CA MET B 300 1.67 2.22 -26.29
C MET B 300 1.95 1.93 -27.76
N ALA B 301 1.16 2.47 -28.68
CA ALA B 301 1.42 2.32 -30.11
C ALA B 301 2.59 3.18 -30.58
N PHE B 302 3.19 3.98 -29.70
CA PHE B 302 4.28 4.86 -30.12
C PHE B 302 5.48 4.09 -30.67
N ILE B 303 5.85 2.98 -30.02
CA ILE B 303 7.00 2.22 -30.51
C ILE B 303 6.77 1.79 -31.96
N PRO B 304 5.68 1.07 -32.30
CA PRO B 304 5.55 0.62 -33.70
C PRO B 304 5.18 1.74 -34.67
N LEU B 305 4.45 2.76 -34.24
CA LEU B 305 3.98 3.78 -35.18
C LEU B 305 5.02 4.85 -35.44
N ARG B 306 5.91 5.12 -34.49
CA ARG B 306 6.85 6.23 -34.62
C ARG B 306 8.31 5.81 -34.57
N VAL B 307 8.68 4.88 -33.67
CA VAL B 307 10.09 4.56 -33.51
C VAL B 307 10.57 3.66 -34.63
N ILE B 308 9.77 2.66 -34.99
CA ILE B 308 10.15 1.77 -36.09
C ILE B 308 10.30 2.52 -37.41
N PRO B 309 9.34 3.36 -37.85
CA PRO B 309 9.57 4.11 -39.10
C PRO B 309 10.75 5.07 -39.01
N PHE B 310 11.01 5.60 -37.81
CA PHE B 310 12.16 6.47 -37.60
C PHE B 310 13.48 5.72 -37.83
N LEU B 311 13.64 4.57 -37.18
CA LEU B 311 14.86 3.79 -37.34
C LEU B 311 14.98 3.20 -38.74
N ARG B 312 13.85 2.88 -39.37
CA ARG B 312 13.88 2.29 -40.72
C ARG B 312 14.50 3.26 -41.71
N GLU B 313 14.20 4.55 -41.57
CA GLU B 313 14.74 5.55 -42.49
C GLU B 313 16.19 5.89 -42.16
N LYS B 314 16.64 5.59 -40.95
CA LYS B 314 18.05 5.67 -40.63
C LYS B 314 18.83 4.44 -41.08
N GLY B 315 18.18 3.47 -41.72
CA GLY B 315 18.87 2.37 -42.33
C GLY B 315 18.85 1.07 -41.55
N VAL B 316 18.23 1.05 -40.38
CA VAL B 316 18.11 -0.20 -39.64
C VAL B 316 17.19 -1.14 -40.42
N PRO B 317 17.66 -2.33 -40.82
CA PRO B 317 16.78 -3.27 -41.53
C PRO B 317 15.56 -3.66 -40.70
N GLN B 318 14.45 -3.90 -41.40
CA GLN B 318 13.23 -4.35 -40.74
C GLN B 318 13.46 -5.65 -39.98
N GLU B 319 14.22 -6.58 -40.58
CA GLU B 319 14.47 -7.86 -39.91
C GLU B 319 15.22 -7.68 -38.60
N THR B 320 16.07 -6.65 -38.50
CA THR B 320 16.72 -6.31 -37.24
C THR B 320 15.72 -5.79 -36.23
N LEU B 321 14.79 -4.92 -36.67
CA LEU B 321 13.77 -4.39 -35.78
C LEU B 321 12.82 -5.48 -35.30
N ALA B 322 12.48 -6.42 -36.20
CA ALA B 322 11.65 -7.56 -35.83
C ALA B 322 12.34 -8.43 -34.81
N GLY B 323 13.65 -8.63 -34.96
CA GLY B 323 14.38 -9.38 -33.96
C GLY B 323 14.34 -8.71 -32.59
N ILE B 324 14.41 -7.38 -32.57
CA ILE B 324 14.41 -6.68 -31.28
C ILE B 324 13.03 -6.71 -30.63
N THR B 325 11.97 -6.56 -31.43
CA THR B 325 10.63 -6.44 -30.88
C THR B 325 9.88 -7.77 -30.79
N VAL B 326 10.39 -8.84 -31.42
CA VAL B 326 9.71 -10.13 -31.40
C VAL B 326 10.61 -11.19 -30.77
N THR B 327 11.78 -11.43 -31.36
CA THR B 327 12.59 -12.56 -30.90
C THR B 327 13.26 -12.26 -29.56
N ASN B 328 13.85 -11.08 -29.41
CA ASN B 328 14.49 -10.74 -28.14
C ASN B 328 13.54 -10.85 -26.95
N PRO B 329 12.32 -10.29 -26.98
CA PRO B 329 11.41 -10.49 -25.83
C PRO B 329 11.06 -11.95 -25.61
N ALA B 330 10.90 -12.71 -26.70
CA ALA B 330 10.57 -14.13 -26.60
C ALA B 330 11.63 -14.90 -25.82
N ARG B 331 12.91 -14.64 -26.13
CA ARG B 331 14.00 -15.27 -25.38
C ARG B 331 14.05 -14.76 -23.94
N PHE B 332 13.72 -13.48 -23.73
CA PHE B 332 13.71 -12.94 -22.37
C PHE B 332 12.66 -13.61 -21.52
N LEU B 333 11.42 -13.69 -22.01
CA LEU B 333 10.29 -14.12 -21.20
C LEU B 333 10.16 -15.64 -21.09
N SER B 334 10.69 -16.41 -22.05
CA SER B 334 10.63 -17.86 -21.94
C SER B 334 11.35 -18.31 -20.67
N PRO B 335 10.69 -19.02 -19.76
CA PRO B 335 11.37 -19.39 -18.50
C PRO B 335 12.50 -20.38 -18.77
N THR B 336 13.58 -20.24 -18.01
CA THR B 336 14.68 -21.17 -18.10
C THR B 336 14.43 -22.35 -17.16
N LEU B 337 15.35 -23.31 -17.17
CA LEU B 337 15.21 -24.46 -16.28
C LEU B 337 15.35 -24.00 -14.83
N ARG B 338 14.51 -24.57 -13.97
CA ARG B 338 14.66 -24.31 -12.55
C ARG B 338 15.98 -24.90 -12.05
N ALA B 339 16.58 -24.22 -11.07
CA ALA B 339 17.83 -24.69 -10.48
C ALA B 339 17.66 -26.07 -9.85
N SER B 340 18.78 -26.76 -9.70
CA SER B 340 18.86 -28.14 -9.20
C SER B 340 18.22 -29.12 -10.18
C FMT C . -4.07 4.13 15.31
O1 FMT C . -4.16 2.90 15.33
O2 FMT C . -3.32 4.75 16.07
ZN ZN D . -4.18 1.44 17.18
ZN ZN E . -1.63 4.35 16.92
O42 E5N F . -0.82 2.83 15.92
O41 E5N F . -2.37 1.91 17.24
C4 E5N F . -1.54 1.88 16.30
C41 E5N F . -1.29 0.56 15.57
C32 E5N F . -1.46 -0.67 16.49
C3 E5N F . 0.84 -0.22 17.34
O31 E5N F . 1.39 0.72 17.95
O32 E5N F . 1.34 -0.92 16.43
C22 E5N F . -0.58 -1.84 18.49
C31 E5N F . -0.58 -0.50 17.73
C FMT G . 8.83 -0.11 -13.22
O1 FMT G . 7.77 0.46 -13.47
O2 FMT G . 9.90 0.48 -13.03
ZN ZN H . 7.45 1.56 -15.63
ZN ZN I . 10.40 2.51 -13.30
O42 E5N J . 8.19 2.95 -14.62
O41 E5N J . 8.81 3.62 -12.59
C4 E5N J . 7.97 3.47 -13.50
C41 E5N J . 6.60 4.09 -13.19
C32 E5N J . 5.73 4.44 -14.39
C3 E5N J . 7.05 6.51 -14.65
O31 E5N J . 6.33 7.11 -13.83
O32 E5N J . 8.26 6.75 -14.91
C22 E5N J . 5.49 5.88 -16.39
C31 E5N J . 6.49 5.33 -15.35
#